data_5T49
#
_entry.id   5T49
#
_cell.length_a   65.540
_cell.length_b   94.290
_cell.length_c   159.170
_cell.angle_alpha   90.000
_cell.angle_beta   90.000
_cell.angle_gamma   90.000
#
_symmetry.space_group_name_H-M   'P 21 21 21'
#
loop_
_entity.id
_entity.type
_entity.pdbx_description
1 polymer 'BH0236 protein'
2 non-polymer 1,2-ETHANEDIOL
3 non-polymer 'PHOSPHATE ION'
4 water water
#
_entity_poly.entity_id   1
_entity_poly.type   'polypeptide(L)'
_entity_poly.pdbx_seq_one_letter_code
;(MSE)GSSHHHHHHSSGLVPRGSH(MSE)ASHAVSVGKGSYATEFPEIDFGGINDPGFRDQQGEPPATIYRSDRVTGP
(MSE)QTNSWWGSLAVDRFS(MSE)NQYPHPFSVRHRAEGLHVFYDAPHN(MSE)VVHENREAGTWHIHGAIGTDFTIKH
SGTANFEQAVVDDYNDWYVRGLLENGAHQ(MSE)AITYGVGSPYIFVEYEDGSAVLDFDIAPDVWE(MSE)NGHVIGFST
HDHKHYAAFAPPGQNWSGIGSKTLTNNADYIAIAKLPEKDGN(MSE)LAKFEQYAYSVVRDAVADWTYDEATGTVTTTFE
VTTEAKVQGAPDGTIFALYPHQYRHLASSSENQLLQNYQYEIIRGT(MSE)IGLEGKRFTTELTYPGVLPSLPDLGDYDR
ERLIGYLHDATSDYPTGSDTYELGKYIGKLATLAPIADQ(MSE)GEYELAEQFRGELKDILEDWLQATNASGQLKGKNLF
YYNENWGTILGYHAAHSSATRINDHHFHYGYFVKAAAEIARADQEWAKSENWGG(MSE)IDLLIRDF(MSE)ADRDDDLF
PYLR(MSE)FDPYSGNSWADGLATFDAGNNQESSSEA(MSE)HAWTNVILWAEATGNKALRDRAIYLYTTE(MSE)SAIN
EYFFDVHQEIFPEEYGPEIVTINWGGK(MSE)DHATWWNSGKVEKYAINWLPFHGGSLYLGHHPDYVDRAYEELRRDIGS
TDWNLWSNLVW(MSE)YRAFTNPDDALQQ(MSE)EASIDDYGLFDPGNEKIIERGSTKAQTYHWIHNLAELGRVDPTVTA
NHPIYAVFNKNGNRTYIVYNFSDSPITVQFSDGHSIQVEPHSFNIGNGDGPTNPDPSEP
;
_entity_poly.pdbx_strand_id   A
#
# COMPACT_ATOMS: atom_id res chain seq x y z
N HIS A 24 -23.18 -19.89 -13.74
CA HIS A 24 -23.67 -18.61 -14.32
C HIS A 24 -22.57 -17.50 -14.34
N ALA A 25 -22.78 -16.51 -15.19
CA ALA A 25 -21.77 -15.51 -15.50
C ALA A 25 -22.43 -14.22 -15.93
N VAL A 26 -21.68 -13.13 -15.86
CA VAL A 26 -22.20 -11.80 -16.16
C VAL A 26 -21.34 -11.22 -17.29
N SER A 27 -21.99 -10.79 -18.36
CA SER A 27 -21.29 -10.17 -19.50
C SER A 27 -20.88 -8.76 -19.20
N VAL A 28 -19.66 -8.43 -19.62
CA VAL A 28 -19.09 -7.09 -19.54
C VAL A 28 -18.32 -6.83 -20.84
N GLY A 29 -18.94 -6.07 -21.73
CA GLY A 29 -18.57 -6.04 -23.14
C GLY A 29 -18.40 -7.46 -23.69
N LYS A 30 -17.25 -7.70 -24.32
CA LYS A 30 -16.91 -9.01 -24.91
C LYS A 30 -16.44 -10.03 -23.89
N GLY A 31 -16.24 -9.60 -22.64
CA GLY A 31 -15.78 -10.49 -21.56
C GLY A 31 -16.89 -10.88 -20.61
N SER A 32 -16.50 -11.57 -19.55
CA SER A 32 -17.42 -11.97 -18.50
C SER A 32 -16.68 -12.43 -17.27
N TYR A 33 -17.43 -12.44 -16.16
CA TYR A 33 -16.99 -13.00 -14.90
C TYR A 33 -18.02 -13.95 -14.32
N ALA A 34 -17.53 -14.91 -13.53
CA ALA A 34 -18.36 -15.95 -12.96
C ALA A 34 -19.05 -15.46 -11.71
N THR A 35 -20.29 -15.87 -11.50
CA THR A 35 -21.02 -15.61 -10.25
C THR A 35 -21.27 -16.87 -9.42
N GLU A 36 -20.89 -18.04 -9.94
CA GLU A 36 -20.89 -19.29 -9.16
C GLU A 36 -19.41 -19.73 -9.10
N PHE A 37 -19.04 -20.38 -7.99
CA PHE A 37 -17.68 -20.86 -7.83
C PHE A 37 -17.44 -21.98 -8.83
N PRO A 38 -16.42 -21.83 -9.68
CA PRO A 38 -16.24 -22.83 -10.73
C PRO A 38 -15.73 -24.15 -10.19
N GLU A 39 -16.02 -25.22 -10.91
CA GLU A 39 -15.36 -26.49 -10.69
C GLU A 39 -13.91 -26.33 -11.21
N ILE A 40 -12.94 -26.26 -10.29
CA ILE A 40 -11.56 -25.96 -10.64
C ILE A 40 -10.92 -27.12 -11.41
N ASP A 41 -10.13 -26.74 -12.42
CA ASP A 41 -9.34 -27.67 -13.20
C ASP A 41 -7.94 -27.60 -12.58
N PHE A 42 -7.65 -28.57 -11.72
CA PHE A 42 -6.35 -28.69 -11.05
C PHE A 42 -5.24 -29.14 -11.97
N GLY A 43 -5.58 -29.68 -13.15
CA GLY A 43 -4.61 -30.04 -14.19
C GLY A 43 -3.70 -31.16 -13.73
N GLY A 44 -4.27 -32.13 -13.00
CA GLY A 44 -3.52 -33.27 -12.50
C GLY A 44 -2.66 -33.06 -11.26
N ILE A 45 -2.37 -31.81 -10.89
CA ILE A 45 -1.49 -31.49 -9.75
C ILE A 45 -2.16 -31.90 -8.44
N ASN A 46 -1.43 -32.64 -7.61
CA ASN A 46 -1.94 -33.20 -6.34
C ASN A 46 -1.49 -32.47 -5.07
N ASP A 47 -0.39 -31.70 -5.16
CA ASP A 47 0.13 -30.91 -4.03
C ASP A 47 -1.02 -30.22 -3.24
N PRO A 48 -1.23 -30.60 -1.94
CA PRO A 48 -2.36 -29.99 -1.20
C PRO A 48 -2.24 -28.46 -1.06
N GLY A 49 -1.01 -27.93 -1.08
CA GLY A 49 -0.79 -26.50 -1.07
C GLY A 49 -1.43 -25.78 -2.25
N PHE A 50 -1.04 -26.18 -3.46
CA PHE A 50 -1.59 -25.59 -4.69
C PHE A 50 -3.12 -25.74 -4.77
N ARG A 51 -3.64 -26.88 -4.35
CA ARG A 51 -5.09 -27.14 -4.42
C ARG A 51 -5.85 -26.28 -3.43
N ASP A 52 -5.33 -26.11 -2.22
CA ASP A 52 -5.94 -25.26 -1.19
C ASP A 52 -5.97 -23.79 -1.57
N GLN A 53 -5.02 -23.37 -2.40
CA GLN A 53 -5.06 -22.02 -2.97
C GLN A 53 -6.28 -21.73 -3.86
N GLN A 54 -6.97 -22.74 -4.37
CA GLN A 54 -8.09 -22.54 -5.29
C GLN A 54 -9.42 -22.55 -4.53
N GLY A 55 -9.47 -21.75 -3.47
CA GLY A 55 -10.61 -21.66 -2.62
C GLY A 55 -11.19 -20.27 -2.66
N GLU A 56 -11.95 -19.98 -1.61
CA GLU A 56 -12.66 -18.74 -1.42
C GLU A 56 -12.28 -18.19 -0.05
N PRO A 57 -12.52 -16.86 0.15
CA PRO A 57 -12.28 -16.27 1.47
C PRO A 57 -13.28 -16.77 2.52
N PRO A 58 -12.99 -16.55 3.81
CA PRO A 58 -13.82 -17.10 4.90
C PRO A 58 -15.30 -16.80 4.75
N ALA A 59 -16.13 -17.79 5.04
CA ALA A 59 -17.59 -17.65 4.97
C ALA A 59 -18.14 -16.74 6.09
N THR A 60 -17.59 -16.88 7.28
CA THR A 60 -18.03 -16.11 8.43
C THR A 60 -17.34 -14.75 8.45
N ILE A 61 -18.16 -13.69 8.43
CA ILE A 61 -17.70 -12.31 8.58
C ILE A 61 -18.33 -11.75 9.85
N TYR A 62 -17.48 -11.34 10.79
CA TYR A 62 -17.91 -10.77 12.09
C TYR A 62 -18.20 -9.28 11.92
N ARG A 63 -19.42 -9.02 11.47
CA ARG A 63 -19.95 -7.69 11.31
C ARG A 63 -21.39 -7.67 11.81
N SER A 64 -21.83 -6.51 12.26
CA SER A 64 -23.21 -6.29 12.66
C SER A 64 -24.08 -6.10 11.42
N ASP A 65 -25.40 -6.13 11.63
CA ASP A 65 -26.35 -5.86 10.56
C ASP A 65 -26.43 -4.38 10.14
N ARG A 66 -25.72 -3.49 10.84
CA ARG A 66 -25.50 -2.12 10.38
C ARG A 66 -24.49 -1.99 9.23
N VAL A 67 -23.61 -2.98 9.06
CA VAL A 67 -22.57 -2.96 8.02
C VAL A 67 -23.06 -3.77 6.84
N THR A 68 -23.55 -3.09 5.80
CA THR A 68 -24.05 -3.76 4.58
C THR A 68 -23.24 -3.38 3.35
N GLY A 69 -23.38 -4.19 2.31
CA GLY A 69 -22.68 -3.98 1.07
C GLY A 69 -21.33 -4.70 1.06
N PRO A 70 -20.52 -4.43 0.03
CA PRO A 70 -19.20 -5.04 -0.07
C PRO A 70 -18.38 -4.75 1.17
N GLN A 72 -15.23 -4.22 3.60
CA GLN A 72 -13.96 -3.58 3.44
C GLN A 72 -12.90 -4.65 3.82
N THR A 73 -11.82 -4.73 3.07
CA THR A 73 -10.71 -5.66 3.36
C THR A 73 -9.40 -4.91 3.33
N ASN A 74 -8.30 -5.62 3.53
CA ASN A 74 -6.96 -5.04 3.41
C ASN A 74 -6.80 -3.80 4.32
N SER A 75 -7.31 -3.94 5.54
CA SER A 75 -7.38 -2.90 6.55
C SER A 75 -6.37 -3.14 7.67
N TRP A 76 -5.99 -2.07 8.36
CA TRP A 76 -5.20 -2.20 9.60
C TRP A 76 -5.99 -2.93 10.70
N TRP A 77 -7.33 -2.88 10.62
CA TRP A 77 -8.25 -3.46 11.61
C TRP A 77 -8.91 -4.78 11.24
N GLY A 78 -8.59 -5.33 10.07
CA GLY A 78 -9.30 -6.48 9.50
C GLY A 78 -9.44 -7.74 10.35
N SER A 79 -8.51 -8.00 11.26
CA SER A 79 -8.64 -9.18 12.13
C SER A 79 -9.92 -9.17 12.98
N LEU A 80 -10.49 -7.99 13.24
CA LEU A 80 -11.75 -7.86 13.96
C LEU A 80 -12.95 -8.46 13.21
N ALA A 81 -12.88 -8.40 11.90
CA ALA A 81 -13.89 -8.95 11.01
C ALA A 81 -13.74 -10.45 10.78
N VAL A 82 -12.55 -11.02 10.99
CA VAL A 82 -12.24 -12.38 10.56
C VAL A 82 -12.19 -13.37 11.73
N ASP A 83 -11.55 -12.97 12.82
N ASP A 83 -11.51 -12.95 12.81
CA ASP A 83 -11.53 -13.80 14.00
CA ASP A 83 -11.47 -13.70 14.09
C ASP A 83 -12.71 -13.41 14.88
C ASP A 83 -12.77 -13.44 14.83
N ARG A 84 -13.15 -14.36 15.72
CA ARG A 84 -14.28 -14.16 16.63
C ARG A 84 -14.13 -12.88 17.47
N PHE A 85 -12.94 -12.68 18.03
CA PHE A 85 -12.63 -11.43 18.74
C PHE A 85 -11.76 -10.57 17.85
N SER A 86 -10.46 -10.47 18.13
CA SER A 86 -9.54 -9.88 17.17
C SER A 86 -8.17 -10.42 17.45
N ASN A 88 -4.02 -8.84 17.52
CA ASN A 88 -3.42 -7.62 17.98
C ASN A 88 -3.41 -6.58 16.84
N GLN A 89 -3.78 -5.34 17.16
CA GLN A 89 -3.96 -4.26 16.18
C GLN A 89 -3.17 -3.03 16.61
N TYR A 90 -2.86 -2.18 15.63
CA TYR A 90 -2.02 -1.00 15.89
C TYR A 90 -2.68 0.30 15.45
N PRO A 91 -3.74 0.73 16.18
CA PRO A 91 -4.26 2.06 16.02
C PRO A 91 -3.30 3.04 16.68
N HIS A 92 -2.21 3.37 16.00
CA HIS A 92 -1.15 4.18 16.59
C HIS A 92 -1.72 5.47 17.17
N PRO A 93 -1.34 5.87 18.39
CA PRO A 93 -0.21 5.31 19.16
C PRO A 93 -0.45 4.05 20.01
N PHE A 94 -1.65 3.50 20.03
CA PHE A 94 -1.90 2.31 20.83
C PHE A 94 -1.65 1.02 20.03
N SER A 95 -1.50 -0.09 20.76
CA SER A 95 -1.91 -1.39 20.28
C SER A 95 -3.08 -1.89 21.14
N VAL A 96 -3.99 -2.64 20.52
CA VAL A 96 -5.19 -3.15 21.18
C VAL A 96 -5.50 -4.56 20.71
N ARG A 97 -6.29 -5.27 21.51
CA ARG A 97 -6.88 -6.51 21.04
C ARG A 97 -8.15 -6.86 21.79
N HIS A 98 -9.13 -7.38 21.05
CA HIS A 98 -10.40 -7.77 21.62
C HIS A 98 -10.33 -9.18 22.21
N ARG A 99 -10.95 -9.35 23.36
CA ARG A 99 -11.04 -10.64 24.02
C ARG A 99 -12.41 -10.78 24.66
N ALA A 100 -12.75 -12.00 25.05
CA ALA A 100 -13.98 -12.25 25.82
C ALA A 100 -14.11 -11.34 27.03
N GLU A 101 -13.02 -11.16 27.75
CA GLU A 101 -12.96 -10.28 28.93
C GLU A 101 -13.05 -8.77 28.62
N GLY A 102 -12.62 -8.35 27.43
CA GLY A 102 -12.80 -6.94 27.00
C GLY A 102 -11.70 -6.51 26.06
N LEU A 103 -11.36 -5.22 26.07
CA LEU A 103 -10.32 -4.70 25.20
C LEU A 103 -9.00 -4.50 25.95
N HIS A 104 -7.99 -5.28 25.57
CA HIS A 104 -6.63 -5.08 26.07
C HIS A 104 -6.01 -3.90 25.34
N VAL A 105 -5.34 -3.02 26.10
CA VAL A 105 -4.67 -1.81 25.60
C VAL A 105 -3.22 -1.86 26.00
N PHE A 106 -2.32 -1.49 25.09
CA PHE A 106 -0.88 -1.52 25.32
C PHE A 106 -0.19 -0.39 24.58
N TYR A 107 0.95 0.05 25.10
CA TYR A 107 1.81 1.00 24.41
C TYR A 107 3.25 0.48 24.46
N ASP A 108 3.89 0.40 23.31
CA ASP A 108 5.31 0.07 23.22
C ASP A 108 6.13 1.30 23.64
N ALA A 109 6.61 1.26 24.88
CA ALA A 109 7.59 2.23 25.37
C ALA A 109 8.97 1.81 24.88
N PRO A 110 9.99 2.68 25.01
CA PRO A 110 11.36 2.30 24.60
C PRO A 110 11.89 0.99 25.22
N HIS A 111 11.61 0.71 26.49
CA HIS A 111 12.04 -0.56 27.11
C HIS A 111 11.36 -1.79 26.49
N ASN A 112 10.23 -1.62 25.80
CA ASN A 112 9.58 -2.70 25.05
C ASN A 112 10.16 -2.88 23.65
N VAL A 114 12.76 -3.49 20.62
CA VAL A 114 14.01 -4.23 20.38
C VAL A 114 14.39 -4.20 18.90
N VAL A 115 15.70 -4.29 18.66
CA VAL A 115 16.26 -4.52 17.35
C VAL A 115 17.07 -5.83 17.43
N HIS A 116 16.63 -6.86 16.70
CA HIS A 116 17.33 -8.15 16.62
C HIS A 116 17.84 -8.50 15.21
N GLU A 117 19.00 -9.15 15.17
CA GLU A 117 19.62 -9.62 13.96
C GLU A 117 19.81 -11.15 14.02
N ASN A 118 19.52 -11.82 12.92
CA ASN A 118 19.90 -13.21 12.73
C ASN A 118 20.88 -13.20 11.53
N ARG A 119 22.17 -13.30 11.86
CA ARG A 119 23.26 -13.11 10.88
C ARG A 119 23.26 -14.14 9.78
N GLU A 120 23.08 -15.41 10.14
CA GLU A 120 23.09 -16.48 9.16
C GLU A 120 21.88 -16.36 8.23
N ALA A 121 20.72 -16.00 8.78
CA ALA A 121 19.55 -15.78 7.93
C ALA A 121 19.61 -14.47 7.12
N GLY A 122 20.44 -13.53 7.54
CA GLY A 122 20.50 -12.23 6.89
C GLY A 122 19.28 -11.35 7.20
N THR A 123 18.65 -11.58 8.34
CA THR A 123 17.44 -10.85 8.74
C THR A 123 17.62 -9.97 9.98
N TRP A 124 16.80 -8.92 10.01
CA TRP A 124 16.72 -8.01 11.12
C TRP A 124 15.26 -7.81 11.41
N HIS A 125 14.94 -7.56 12.68
CA HIS A 125 13.58 -7.35 13.13
C HIS A 125 13.55 -6.19 14.11
N ILE A 126 12.78 -5.14 13.80
CA ILE A 126 12.47 -4.09 14.77
C ILE A 126 11.07 -4.36 15.26
N HIS A 127 10.93 -4.68 16.54
CA HIS A 127 9.60 -4.92 17.09
C HIS A 127 9.47 -4.52 18.55
N GLY A 128 8.21 -4.50 18.99
CA GLY A 128 7.84 -4.35 20.40
C GLY A 128 7.31 -5.64 21.01
N ALA A 129 6.36 -5.50 21.93
CA ALA A 129 5.84 -6.63 22.67
C ALA A 129 4.31 -6.69 22.59
N ILE A 130 3.77 -7.89 22.80
CA ILE A 130 2.33 -8.16 22.90
C ILE A 130 2.11 -8.18 24.39
N GLY A 131 1.78 -7.04 24.97
CA GLY A 131 1.52 -6.96 26.40
C GLY A 131 0.16 -6.35 26.65
N THR A 132 -0.14 -6.11 27.92
CA THR A 132 -1.38 -5.48 28.35
C THR A 132 -1.01 -4.47 29.44
N ASP A 133 -1.15 -3.19 29.13
CA ASP A 133 -1.05 -2.14 30.14
C ASP A 133 -2.30 -2.13 31.02
N PHE A 134 -3.47 -2.25 30.39
CA PHE A 134 -4.74 -2.48 31.09
C PHE A 134 -5.81 -2.99 30.14
N THR A 135 -6.89 -3.49 30.74
CA THR A 135 -8.04 -3.99 30.01
C THR A 135 -9.27 -3.12 30.27
N ILE A 136 -9.96 -2.74 29.20
CA ILE A 136 -11.20 -1.98 29.28
C ILE A 136 -12.33 -3.01 29.33
N LYS A 137 -13.14 -2.94 30.39
CA LYS A 137 -14.10 -3.97 30.71
C LYS A 137 -15.45 -3.39 31.00
N HIS A 138 -16.42 -4.27 30.99
CA HIS A 138 -17.83 -3.96 31.13
C HIS A 138 -18.22 -4.56 32.48
N SER A 139 -18.84 -3.77 33.34
CA SER A 139 -19.17 -4.18 34.74
C SER A 139 -20.04 -5.44 34.81
N GLY A 140 -20.94 -5.62 33.84
CA GLY A 140 -21.84 -6.76 33.72
C GLY A 140 -21.40 -8.10 33.15
N THR A 141 -20.26 -8.14 32.46
CA THR A 141 -19.77 -9.38 31.88
C THR A 141 -18.28 -9.32 31.53
N ALA A 142 -17.58 -10.45 31.76
CA ALA A 142 -16.22 -10.67 31.29
C ALA A 142 -16.18 -11.84 30.31
N ASN A 143 -17.31 -12.10 29.67
CA ASN A 143 -17.41 -13.24 28.75
C ASN A 143 -18.30 -12.89 27.57
N PHE A 144 -17.83 -11.92 26.79
CA PHE A 144 -18.45 -11.59 25.52
C PHE A 144 -18.38 -12.77 24.52
N GLU A 145 -19.40 -12.91 23.68
CA GLU A 145 -19.48 -14.00 22.67
C GLU A 145 -18.61 -13.73 21.47
N GLN A 146 -18.51 -12.46 21.08
CA GLN A 146 -17.72 -12.09 19.92
C GLN A 146 -17.50 -10.58 19.87
N ALA A 147 -16.61 -10.15 18.98
CA ALA A 147 -16.40 -8.76 18.69
C ALA A 147 -16.66 -8.61 17.21
N VAL A 148 -17.44 -7.60 16.82
CA VAL A 148 -17.77 -7.38 15.42
C VAL A 148 -17.50 -5.95 14.98
N VAL A 149 -17.38 -5.80 13.67
CA VAL A 149 -17.29 -4.50 13.05
C VAL A 149 -18.71 -3.95 12.98
N ASP A 150 -18.97 -2.88 13.71
CA ASP A 150 -20.30 -2.24 13.72
C ASP A 150 -20.34 -1.03 12.81
N ASP A 151 -19.17 -0.47 12.46
CA ASP A 151 -19.07 0.63 11.51
C ASP A 151 -17.60 0.89 11.26
N TYR A 152 -17.30 1.55 10.15
CA TYR A 152 -15.96 2.01 9.86
C TYR A 152 -16.02 3.19 8.93
N ASN A 153 -14.92 3.90 8.83
CA ASN A 153 -14.82 4.98 7.84
C ASN A 153 -13.43 4.90 7.19
N ASP A 154 -12.90 5.99 6.66
CA ASP A 154 -11.67 5.91 5.93
C ASP A 154 -10.50 5.41 6.79
N TRP A 155 -10.48 5.67 8.10
CA TRP A 155 -9.43 5.10 8.97
C TRP A 155 -9.73 4.74 10.42
N TYR A 156 -10.92 5.04 10.92
CA TYR A 156 -11.38 4.57 12.23
C TYR A 156 -12.27 3.38 12.02
N VAL A 157 -12.45 2.58 13.08
CA VAL A 157 -13.38 1.48 13.10
C VAL A 157 -14.12 1.56 14.42
N ARG A 158 -15.30 0.96 14.46
N ARG A 158 -15.31 0.98 14.47
CA ARG A 158 -16.14 0.80 15.67
CA ARG A 158 -16.09 0.81 15.70
C ARG A 158 -16.29 -0.69 15.91
C ARG A 158 -16.29 -0.67 15.92
N GLY A 159 -15.61 -1.21 16.94
CA GLY A 159 -15.72 -2.60 17.32
C GLY A 159 -16.83 -2.74 18.34
N LEU A 160 -17.60 -3.84 18.28
CA LEU A 160 -18.70 -4.04 19.18
C LEU A 160 -18.60 -5.41 19.84
N LEU A 161 -18.26 -5.43 21.12
CA LEU A 161 -18.31 -6.63 21.94
C LEU A 161 -19.76 -6.92 22.40
N GLU A 162 -20.22 -8.15 22.18
CA GLU A 162 -21.64 -8.52 22.29
C GLU A 162 -21.88 -9.68 23.26
N ASN A 163 -22.80 -9.48 24.21
CA ASN A 163 -23.28 -10.52 25.10
C ASN A 163 -24.72 -10.24 25.52
N GLY A 164 -25.66 -10.54 24.62
CA GLY A 164 -27.08 -10.28 24.82
C GLY A 164 -27.29 -8.79 24.99
N ALA A 165 -27.94 -8.40 26.08
CA ALA A 165 -28.13 -7.00 26.43
C ALA A 165 -26.78 -6.23 26.67
N HIS A 166 -25.73 -6.94 27.12
CA HIS A 166 -24.45 -6.32 27.42
C HIS A 166 -23.71 -6.05 26.11
N GLN A 167 -23.38 -4.78 25.88
CA GLN A 167 -22.54 -4.41 24.76
C GLN A 167 -21.50 -3.39 25.17
N ALA A 169 -19.12 -0.82 22.89
CA ALA A 169 -18.77 -0.31 21.56
C ALA A 169 -17.52 0.57 21.65
N ILE A 170 -16.48 0.20 20.92
CA ILE A 170 -15.20 0.83 21.06
C ILE A 170 -14.81 1.44 19.73
N THR A 171 -14.59 2.74 19.71
CA THR A 171 -14.24 3.46 18.52
C THR A 171 -12.79 3.91 18.65
N TYR A 172 -11.99 3.54 17.65
CA TYR A 172 -10.56 3.80 17.64
C TYR A 172 -10.01 3.80 16.21
N GLY A 173 -8.77 4.27 16.07
CA GLY A 173 -8.14 4.32 14.78
C GLY A 173 -6.69 4.74 14.79
N VAL A 174 -6.00 4.43 13.69
CA VAL A 174 -4.70 4.98 13.44
C VAL A 174 -4.78 6.49 13.48
N GLY A 175 -3.86 7.12 14.17
CA GLY A 175 -3.82 8.56 14.25
C GLY A 175 -4.77 9.13 15.26
N SER A 176 -5.32 8.29 16.14
CA SER A 176 -6.19 8.74 17.20
C SER A 176 -5.59 8.34 18.52
N PRO A 177 -5.22 9.34 19.34
CA PRO A 177 -4.75 9.08 20.68
C PRO A 177 -5.91 8.86 21.67
N TYR A 178 -7.15 8.76 21.20
CA TYR A 178 -8.30 8.41 22.04
C TYR A 178 -8.81 7.02 21.67
N ILE A 179 -9.33 6.32 22.67
CA ILE A 179 -10.21 5.19 22.48
C ILE A 179 -11.55 5.57 23.12
N PHE A 180 -12.63 5.55 22.34
CA PHE A 180 -13.94 6.01 22.80
C PHE A 180 -14.78 4.79 23.15
N VAL A 181 -15.35 4.75 24.35
CA VAL A 181 -16.05 3.56 24.84
C VAL A 181 -17.49 3.86 25.21
N GLU A 182 -18.43 3.16 24.58
CA GLU A 182 -19.86 3.33 24.80
C GLU A 182 -20.42 2.01 25.33
N TYR A 183 -21.18 2.09 26.42
CA TYR A 183 -21.69 0.91 27.12
C TYR A 183 -23.20 0.79 26.99
N GLU A 184 -23.72 -0.43 26.81
CA GLU A 184 -25.12 -0.73 27.02
C GLU A 184 -25.24 -1.73 28.16
N ASP A 185 -26.21 -1.47 29.03
CA ASP A 185 -26.53 -2.30 30.20
C ASP A 185 -25.32 -2.57 31.13
N GLY A 186 -24.56 -1.52 31.39
CA GLY A 186 -23.45 -1.58 32.33
C GLY A 186 -22.61 -0.32 32.30
N SER A 187 -21.52 -0.39 33.04
CA SER A 187 -20.66 0.74 33.29
C SER A 187 -19.19 0.30 33.21
N ALA A 188 -18.28 1.25 33.41
CA ALA A 188 -16.88 1.09 33.04
C ALA A 188 -16.00 0.48 34.14
N VAL A 189 -15.02 -0.31 33.71
CA VAL A 189 -14.01 -0.91 34.58
C VAL A 189 -12.69 -0.91 33.82
N LEU A 190 -11.62 -0.44 34.46
CA LEU A 190 -10.27 -0.54 33.91
C LEU A 190 -9.49 -1.46 34.82
N ASP A 191 -9.02 -2.58 34.29
CA ASP A 191 -8.42 -3.61 35.10
C ASP A 191 -6.91 -3.69 34.82
N PHE A 192 -6.11 -3.73 35.89
CA PHE A 192 -4.64 -3.75 35.81
C PHE A 192 -4.08 -4.98 36.50
N ASP A 193 -2.96 -5.50 36.02
CA ASP A 193 -2.26 -6.58 36.72
C ASP A 193 -1.55 -6.03 37.96
N ILE A 194 -1.00 -4.83 37.82
CA ILE A 194 -0.31 -4.16 38.91
C ILE A 194 -0.91 -2.77 39.03
N ALA A 195 -1.13 -2.34 40.27
CA ALA A 195 -1.93 -1.13 40.53
C ALA A 195 -1.20 0.08 39.96
N PRO A 196 -1.92 0.89 39.19
CA PRO A 196 -1.33 2.06 38.59
C PRO A 196 -1.25 3.22 39.59
N ASP A 197 -0.38 4.19 39.27
CA ASP A 197 -0.21 5.41 40.03
C ASP A 197 -1.19 6.42 39.45
N VAL A 198 -2.23 6.76 40.21
CA VAL A 198 -3.14 7.81 39.80
C VAL A 198 -2.58 9.14 40.29
N TRP A 199 -1.91 9.85 39.40
CA TRP A 199 -1.19 11.08 39.78
C TRP A 199 -2.10 12.30 39.69
N GLU A 200 -3.26 12.13 39.08
CA GLU A 200 -4.21 13.24 39.05
C GLU A 200 -5.64 12.74 39.10
N ASN A 202 -9.32 14.22 39.26
CA ASN A 202 -10.30 15.31 39.10
C ASN A 202 -11.75 14.86 39.23
N GLY A 203 -11.96 13.74 39.92
CA GLY A 203 -13.27 13.14 40.03
C GLY A 203 -13.57 12.25 38.84
N HIS A 204 -14.03 12.88 37.76
CA HIS A 204 -14.52 12.19 36.56
C HIS A 204 -13.45 12.08 35.50
N VAL A 205 -12.31 12.76 35.71
CA VAL A 205 -11.11 12.64 34.86
C VAL A 205 -9.93 12.18 35.69
N ILE A 206 -9.16 11.20 35.21
CA ILE A 206 -7.96 10.75 35.90
C ILE A 206 -6.75 10.70 35.00
N GLY A 207 -5.62 11.08 35.58
CA GLY A 207 -4.31 10.95 34.96
C GLY A 207 -3.63 9.81 35.68
N PHE A 208 -3.17 8.81 34.92
CA PHE A 208 -2.50 7.66 35.53
C PHE A 208 -1.28 7.16 34.78
N SER A 209 -0.52 6.33 35.48
CA SER A 209 0.65 5.72 34.93
C SER A 209 0.68 4.26 35.36
N THR A 210 1.07 3.41 34.42
CA THR A 210 1.34 2.02 34.68
C THR A 210 2.52 1.93 35.67
N HIS A 211 2.72 0.77 36.27
CA HIS A 211 3.89 0.52 37.11
C HIS A 211 5.19 0.81 36.35
N ASP A 212 5.23 0.57 35.03
CA ASP A 212 6.40 0.88 34.17
C ASP A 212 6.32 2.25 33.45
N HIS A 213 5.57 3.17 34.04
CA HIS A 213 5.70 4.62 33.74
C HIS A 213 5.13 5.05 32.38
N LYS A 214 4.08 4.37 31.93
CA LYS A 214 3.39 4.73 30.69
C LYS A 214 2.18 5.58 31.04
N HIS A 215 2.11 6.76 30.45
CA HIS A 215 1.15 7.78 30.89
C HIS A 215 -0.12 7.76 30.07
N TYR A 216 -1.25 7.59 30.75
CA TYR A 216 -2.57 7.58 30.12
C TYR A 216 -3.49 8.50 30.91
N ALA A 217 -4.68 8.70 30.35
CA ALA A 217 -5.77 9.37 31.05
C ALA A 217 -7.12 8.71 30.70
N ALA A 218 -8.09 8.87 31.59
CA ALA A 218 -9.45 8.38 31.38
C ALA A 218 -10.44 9.48 31.73
N PHE A 219 -11.52 9.57 30.98
CA PHE A 219 -12.46 10.68 31.04
C PHE A 219 -13.88 10.12 31.12
N ALA A 220 -14.64 10.58 32.09
CA ALA A 220 -16.05 10.21 32.20
C ALA A 220 -16.86 11.51 32.25
N PRO A 221 -18.18 11.47 32.00
CA PRO A 221 -18.93 12.74 32.11
C PRO A 221 -18.91 13.32 33.53
N PRO A 222 -19.05 14.64 33.66
CA PRO A 222 -19.05 15.32 34.95
C PRO A 222 -19.99 14.68 35.96
N GLY A 223 -19.52 14.50 37.20
CA GLY A 223 -20.32 13.88 38.25
C GLY A 223 -20.19 12.37 38.37
N GLN A 224 -19.68 11.72 37.33
CA GLN A 224 -19.44 10.29 37.35
C GLN A 224 -17.98 10.11 37.76
N ASN A 225 -17.75 9.97 39.06
CA ASN A 225 -16.38 9.89 39.59
C ASN A 225 -15.83 8.47 39.64
N TRP A 226 -14.52 8.37 39.46
CA TRP A 226 -13.79 7.11 39.51
C TRP A 226 -13.61 6.65 40.96
N SER A 227 -13.78 5.35 41.20
CA SER A 227 -13.41 4.65 42.45
C SER A 227 -12.32 3.62 42.18
N GLY A 228 -11.78 3.08 43.26
CA GLY A 228 -10.70 2.08 43.21
C GLY A 228 -9.29 2.68 43.17
N ILE A 229 -9.19 4.00 43.33
CA ILE A 229 -7.91 4.68 43.24
C ILE A 229 -6.99 4.03 44.28
N GLY A 230 -5.82 3.61 43.82
CA GLY A 230 -4.83 2.94 44.66
C GLY A 230 -4.88 1.43 44.54
N SER A 231 -5.93 0.90 43.92
CA SER A 231 -6.08 -0.53 43.70
C SER A 231 -5.80 -0.89 42.22
N LYS A 232 -6.00 -2.17 41.91
CA LYS A 232 -5.82 -2.74 40.58
C LYS A 232 -7.01 -2.56 39.65
N THR A 233 -8.13 -2.06 40.16
CA THR A 233 -9.35 -1.94 39.38
C THR A 233 -9.95 -0.56 39.55
N LEU A 234 -10.08 0.18 38.46
CA LEU A 234 -10.68 1.51 38.50
C LEU A 234 -12.07 1.45 37.90
N THR A 235 -13.07 1.92 38.62
CA THR A 235 -14.45 1.78 38.18
C THR A 235 -15.11 3.13 38.00
N ASN A 236 -16.18 3.14 37.23
CA ASN A 236 -16.93 4.35 36.99
C ASN A 236 -18.31 3.98 36.49
N ASN A 237 -19.34 4.63 37.03
CA ASN A 237 -20.74 4.26 36.74
C ASN A 237 -21.24 4.77 35.39
N ALA A 238 -20.44 5.58 34.71
CA ALA A 238 -20.91 6.14 33.47
C ALA A 238 -21.15 5.05 32.41
N ASP A 239 -22.00 5.36 31.43
CA ASP A 239 -22.13 4.56 30.20
C ASP A 239 -21.27 5.10 29.00
N TYR A 240 -20.34 6.01 29.30
CA TYR A 240 -19.39 6.53 28.34
C TYR A 240 -18.07 6.83 29.04
N ILE A 241 -16.96 6.34 28.50
CA ILE A 241 -15.64 6.86 28.86
C ILE A 241 -14.76 7.02 27.65
N ALA A 242 -13.68 7.77 27.81
CA ALA A 242 -12.63 7.85 26.81
C ALA A 242 -11.32 7.56 27.50
N ILE A 243 -10.41 6.94 26.75
CA ILE A 243 -9.05 6.71 27.18
C ILE A 243 -8.17 7.55 26.26
N ALA A 244 -7.16 8.19 26.82
CA ALA A 244 -6.16 8.83 26.00
C ALA A 244 -4.79 8.32 26.39
N LYS A 245 -3.94 8.18 25.38
CA LYS A 245 -2.51 8.09 25.61
C LYS A 245 -1.99 9.52 25.70
N LEU A 246 -1.38 9.87 26.83
CA LEU A 246 -0.73 11.18 27.00
C LEU A 246 0.71 11.16 26.50
N PRO A 247 1.16 12.24 25.85
CA PRO A 247 2.58 12.33 25.48
C PRO A 247 3.57 12.40 26.66
N GLU A 248 3.11 12.90 27.80
CA GLU A 248 3.94 13.15 28.98
C GLU A 248 3.05 13.13 30.23
N LYS A 249 3.67 12.94 31.38
CA LYS A 249 3.00 13.09 32.67
C LYS A 249 2.86 14.59 32.96
N ASP A 250 1.72 15.18 32.63
CA ASP A 250 1.59 16.62 32.55
C ASP A 250 0.11 16.98 32.59
N GLY A 251 -0.25 17.75 33.59
CA GLY A 251 -1.63 18.10 33.83
C GLY A 251 -2.19 19.15 32.90
N ASN A 252 -1.32 19.96 32.30
CA ASN A 252 -1.77 20.84 31.19
C ASN A 252 -2.17 20.03 29.95
N LEU A 254 -3.28 17.01 30.03
CA LEU A 254 -4.51 16.37 30.42
C LEU A 254 -5.71 17.28 30.17
N ALA A 255 -5.56 18.55 30.54
CA ALA A 255 -6.61 19.55 30.35
C ALA A 255 -6.94 19.75 28.88
N LYS A 256 -5.93 19.76 28.02
CA LYS A 256 -6.13 19.78 26.56
C LYS A 256 -6.89 18.51 26.09
N PHE A 257 -6.45 17.33 26.53
CA PHE A 257 -7.13 16.08 26.13
C PHE A 257 -8.57 16.00 26.60
N GLU A 258 -8.83 16.62 27.75
CA GLU A 258 -10.17 16.76 28.28
C GLU A 258 -11.13 17.53 27.37
N GLN A 259 -10.65 18.52 26.63
CA GLN A 259 -11.52 19.29 25.72
C GLN A 259 -12.16 18.48 24.58
N TYR A 260 -11.44 17.47 24.07
CA TYR A 260 -11.91 16.66 22.94
C TYR A 260 -12.28 15.21 23.33
N ALA A 261 -12.21 14.89 24.63
CA ALA A 261 -12.49 13.53 25.09
C ALA A 261 -13.95 13.11 24.98
N TYR A 262 -14.86 14.07 24.77
CA TYR A 262 -16.29 13.80 24.70
C TYR A 262 -16.85 13.99 23.30
N SER A 263 -15.94 14.02 22.33
CA SER A 263 -16.27 14.22 20.93
C SER A 263 -15.93 12.94 20.16
N VAL A 264 -16.89 12.02 20.11
CA VAL A 264 -16.66 10.69 19.55
C VAL A 264 -16.73 10.73 18.03
N VAL A 265 -15.73 10.17 17.37
CA VAL A 265 -15.62 10.23 15.93
C VAL A 265 -16.64 9.28 15.31
N ARG A 266 -17.49 9.80 14.44
CA ARG A 266 -18.46 8.97 13.68
C ARG A 266 -18.11 8.85 12.21
N ASP A 267 -17.63 9.94 11.62
CA ASP A 267 -17.19 9.96 10.24
C ASP A 267 -15.74 10.38 10.20
N ALA A 268 -15.02 9.90 9.20
CA ALA A 268 -13.68 10.35 8.90
C ALA A 268 -13.42 10.13 7.43
N VAL A 269 -13.00 11.17 6.75
CA VAL A 269 -12.93 11.19 5.30
C VAL A 269 -11.61 11.81 4.87
N ALA A 270 -10.96 11.18 3.91
CA ALA A 270 -9.76 11.75 3.26
C ALA A 270 -10.14 12.18 1.85
N ASP A 271 -10.39 13.47 1.68
CA ASP A 271 -10.77 14.04 0.37
C ASP A 271 -9.55 14.62 -0.26
N TRP A 272 -9.40 14.41 -1.56
CA TRP A 272 -8.20 14.86 -2.27
C TRP A 272 -8.58 15.60 -3.54
N THR A 273 -7.67 16.46 -4.00
CA THR A 273 -7.72 17.04 -5.34
C THR A 273 -6.34 16.92 -5.98
N TYR A 274 -6.35 16.75 -7.30
CA TYR A 274 -5.16 16.81 -8.11
C TYR A 274 -5.28 18.09 -8.92
N ASP A 275 -4.33 19.00 -8.76
CA ASP A 275 -4.25 20.20 -9.61
C ASP A 275 -3.25 19.89 -10.69
N GLU A 276 -3.76 19.64 -11.88
CA GLU A 276 -2.94 19.20 -12.99
C GLU A 276 -1.85 20.21 -13.41
N ALA A 277 -2.16 21.50 -13.30
CA ALA A 277 -1.24 22.58 -13.71
C ALA A 277 0.07 22.64 -12.89
N THR A 278 -0.04 22.42 -11.57
CA THR A 278 1.13 22.46 -10.65
C THR A 278 1.64 21.09 -10.23
N GLY A 279 0.84 20.06 -10.41
CA GLY A 279 1.17 18.71 -9.94
C GLY A 279 0.80 18.45 -8.50
N THR A 280 0.15 19.40 -7.83
CA THR A 280 -0.08 19.31 -6.40
C THR A 280 -1.25 18.36 -6.11
N VAL A 281 -0.99 17.39 -5.24
CA VAL A 281 -2.03 16.51 -4.73
C VAL A 281 -2.30 16.98 -3.31
N THR A 282 -3.51 17.49 -3.07
CA THR A 282 -3.92 18.06 -1.80
C THR A 282 -4.91 17.10 -1.15
N THR A 283 -4.68 16.74 0.10
CA THR A 283 -5.56 15.81 0.83
C THR A 283 -5.99 16.46 2.14
N THR A 284 -7.28 16.51 2.39
CA THR A 284 -7.86 17.04 3.61
C THR A 284 -8.50 15.89 4.36
N PHE A 285 -8.01 15.67 5.58
CA PHE A 285 -8.50 14.65 6.52
C PHE A 285 -9.45 15.33 7.47
N GLU A 286 -10.72 14.90 7.44
CA GLU A 286 -11.78 15.54 8.20
C GLU A 286 -12.64 14.53 8.96
N VAL A 287 -12.84 14.79 10.26
CA VAL A 287 -13.75 14.02 11.08
C VAL A 287 -15.06 14.74 11.35
N THR A 288 -16.08 13.97 11.69
CA THR A 288 -17.31 14.51 12.25
C THR A 288 -17.62 13.73 13.50
N THR A 289 -17.90 14.45 14.56
CA THR A 289 -18.00 13.85 15.87
C THR A 289 -19.40 14.02 16.41
N GLU A 290 -19.69 13.26 17.46
CA GLU A 290 -20.91 13.40 18.23
C GLU A 290 -20.57 13.71 19.70
N ALA A 291 -21.19 14.78 20.19
CA ALA A 291 -20.96 15.29 21.53
C ALA A 291 -21.56 14.35 22.57
N LYS A 292 -20.76 13.99 23.58
CA LYS A 292 -21.22 13.13 24.68
C LYS A 292 -21.44 13.90 25.98
N VAL A 293 -21.12 15.17 25.96
CA VAL A 293 -21.58 16.12 26.97
C VAL A 293 -21.95 17.40 26.23
N GLN A 294 -22.85 18.17 26.83
CA GLN A 294 -23.17 19.51 26.38
C GLN A 294 -21.93 20.35 26.01
N GLY A 295 -21.97 20.93 24.80
CA GLY A 295 -20.96 21.86 24.32
C GLY A 295 -19.67 21.25 23.79
N ALA A 296 -19.61 19.93 23.66
CA ALA A 296 -18.39 19.30 23.15
C ALA A 296 -18.13 19.79 21.73
N PRO A 297 -16.90 20.24 21.44
CA PRO A 297 -16.60 20.71 20.10
C PRO A 297 -16.69 19.62 19.02
N ASP A 298 -16.95 20.05 17.78
CA ASP A 298 -16.94 19.14 16.65
C ASP A 298 -15.50 19.05 16.14
N GLY A 299 -14.78 18.05 16.63
CA GLY A 299 -13.34 17.92 16.36
C GLY A 299 -12.68 16.89 17.25
N THR A 300 -11.37 16.73 17.10
CA THR A 300 -10.61 15.75 17.89
C THR A 300 -9.14 16.17 17.98
N ILE A 301 -8.29 15.30 18.52
CA ILE A 301 -6.87 15.51 18.46
C ILE A 301 -6.33 14.41 17.58
N PHE A 302 -5.75 14.79 16.46
CA PHE A 302 -5.13 13.86 15.53
C PHE A 302 -3.69 13.60 15.96
N ALA A 303 -3.21 12.38 15.71
CA ALA A 303 -1.80 12.05 15.79
C ALA A 303 -1.30 11.82 14.37
N LEU A 304 -0.41 12.71 13.91
CA LEU A 304 0.04 12.67 12.54
C LEU A 304 1.30 11.87 12.40
N TYR A 305 1.34 11.02 11.37
CA TYR A 305 2.56 10.33 11.00
C TYR A 305 3.53 11.26 10.27
N PRO A 306 4.82 10.91 10.22
CA PRO A 306 5.81 11.68 9.48
C PRO A 306 5.44 12.01 8.04
N HIS A 307 4.91 11.05 7.29
CA HIS A 307 4.54 11.32 5.90
C HIS A 307 3.47 12.39 5.74
N GLN A 308 2.72 12.68 6.82
CA GLN A 308 1.71 13.73 6.82
C GLN A 308 2.31 15.06 7.24
N TYR A 309 2.91 15.11 8.42
CA TYR A 309 3.33 16.39 8.95
C TYR A 309 4.52 17.02 8.24
N ARG A 310 5.35 16.19 7.63
CA ARG A 310 6.43 16.71 6.80
C ARG A 310 5.88 17.46 5.57
N HIS A 311 4.61 17.19 5.23
CA HIS A 311 3.89 17.84 4.13
C HIS A 311 2.65 18.65 4.55
N LEU A 312 2.64 19.11 5.80
CA LEU A 312 1.48 19.80 6.33
C LEU A 312 1.24 21.15 5.63
N ALA A 313 -0.01 21.44 5.25
CA ALA A 313 -0.31 22.70 4.59
C ALA A 313 -0.09 23.86 5.56
N SER A 314 0.29 25.03 5.02
CA SER A 314 0.48 26.26 5.81
C SER A 314 -0.72 26.56 6.70
N SER A 315 -1.91 26.48 6.10
CA SER A 315 -3.15 26.80 6.80
C SER A 315 -3.53 25.83 7.95
N SER A 316 -2.90 24.66 8.02
CA SER A 316 -3.03 23.73 9.19
C SER A 316 -1.94 23.88 10.27
N GLU A 317 -0.87 24.64 10.01
CA GLU A 317 0.28 24.75 10.93
C GLU A 317 -0.13 25.27 12.33
N ASN A 318 -1.06 26.21 12.38
CA ASN A 318 -1.56 26.81 13.65
C ASN A 318 -2.36 25.85 14.56
N GLN A 319 -2.72 24.67 14.06
CA GLN A 319 -3.45 23.68 14.83
C GLN A 319 -2.53 22.71 15.54
N LEU A 320 -1.23 22.76 15.25
CA LEU A 320 -0.27 21.85 15.86
C LEU A 320 -0.15 22.08 17.34
N LEU A 321 -0.03 20.99 18.07
CA LEU A 321 0.30 21.02 19.48
C LEU A 321 1.77 20.58 19.53
N GLN A 322 2.68 21.54 19.55
CA GLN A 322 4.12 21.30 19.21
C GLN A 322 4.82 20.20 20.03
N ASN A 323 4.63 20.26 21.35
CA ASN A 323 5.27 19.31 22.28
C ASN A 323 4.48 18.01 22.46
N TYR A 324 3.46 17.77 21.65
CA TYR A 324 2.65 16.56 21.77
C TYR A 324 3.20 15.46 20.85
N GLN A 325 4.16 14.68 21.36
CA GLN A 325 4.87 13.67 20.57
C GLN A 325 4.67 12.24 21.11
N TYR A 326 4.50 11.29 20.20
CA TYR A 326 4.47 9.86 20.54
C TYR A 326 5.53 9.14 19.72
N GLU A 327 6.28 8.27 20.37
CA GLU A 327 7.26 7.43 19.68
C GLU A 327 6.57 6.12 19.38
N ILE A 328 6.62 5.73 18.11
CA ILE A 328 6.05 4.48 17.61
C ILE A 328 7.00 3.87 16.60
N ILE A 329 6.66 2.69 16.09
CA ILE A 329 7.49 1.99 15.11
C ILE A 329 7.83 2.87 13.89
N ARG A 330 6.87 3.68 13.44
CA ARG A 330 7.09 4.58 12.30
C ARG A 330 7.69 5.92 12.69
N GLY A 331 8.29 6.02 13.88
CA GLY A 331 9.03 7.22 14.25
C GLY A 331 8.23 8.03 15.24
N THR A 332 8.23 9.34 15.06
CA THR A 332 7.55 10.22 15.97
C THR A 332 6.22 10.68 15.38
N ILE A 334 2.98 13.40 15.87
CA ILE A 334 2.70 14.66 16.55
C ILE A 334 1.22 15.00 16.60
N GLY A 335 0.84 15.70 17.66
CA GLY A 335 -0.52 16.13 17.88
C GLY A 335 -0.94 17.32 17.04
N LEU A 336 -2.21 17.32 16.64
CA LEU A 336 -2.83 18.46 15.98
C LEU A 336 -4.30 18.46 16.36
N GLU A 337 -4.84 19.62 16.70
CA GLU A 337 -6.24 19.68 17.15
C GLU A 337 -7.16 20.29 16.11
N GLY A 338 -8.40 19.84 16.09
CA GLY A 338 -9.45 20.49 15.31
C GLY A 338 -10.29 19.50 14.55
N LYS A 339 -11.01 20.02 13.55
CA LYS A 339 -11.94 19.25 12.74
C LYS A 339 -11.22 18.55 11.57
N ARG A 340 -10.17 19.18 11.06
CA ARG A 340 -9.51 18.75 9.84
C ARG A 340 -8.06 19.21 9.76
N PHE A 341 -7.27 18.54 8.92
CA PHE A 341 -5.98 19.07 8.49
C PHE A 341 -5.71 18.68 7.06
N THR A 342 -4.73 19.33 6.45
CA THR A 342 -4.44 19.15 5.02
C THR A 342 -2.96 18.90 4.75
N THR A 343 -2.67 17.96 3.84
CA THR A 343 -1.32 17.69 3.36
C THR A 343 -1.21 18.09 1.89
N GLU A 344 0.00 18.41 1.44
CA GLU A 344 0.25 18.73 0.04
C GLU A 344 1.47 17.98 -0.46
N LEU A 345 1.29 17.23 -1.54
CA LEU A 345 2.35 16.44 -2.16
C LEU A 345 2.48 16.84 -3.62
N THR A 346 3.56 16.39 -4.26
CA THR A 346 3.83 16.69 -5.64
C THR A 346 3.87 15.39 -6.45
N TYR A 347 2.89 15.20 -7.34
CA TYR A 347 2.91 14.15 -8.35
C TYR A 347 4.03 14.48 -9.33
N PRO A 348 4.97 13.54 -9.57
CA PRO A 348 6.13 13.78 -10.41
C PRO A 348 6.05 13.31 -11.88
N GLY A 349 4.89 12.83 -12.31
CA GLY A 349 4.72 12.23 -13.62
C GLY A 349 5.07 10.76 -13.65
N VAL A 350 4.55 10.05 -14.65
CA VAL A 350 5.00 8.70 -15.01
C VAL A 350 5.15 8.65 -16.54
N LEU A 351 5.80 7.60 -17.05
CA LEU A 351 5.91 7.37 -18.50
C LEU A 351 5.40 5.97 -18.85
N PRO A 352 4.93 5.76 -20.10
CA PRO A 352 4.54 4.40 -20.52
C PRO A 352 5.75 3.46 -20.66
N SER A 353 6.91 4.05 -20.96
CA SER A 353 8.19 3.38 -20.92
C SER A 353 9.27 4.44 -21.05
N LEU A 354 10.52 4.03 -20.89
CA LEU A 354 11.61 4.91 -21.25
C LEU A 354 11.62 5.04 -22.76
N PRO A 355 11.93 6.23 -23.26
CA PRO A 355 12.06 6.41 -24.70
C PRO A 355 13.39 5.87 -25.24
N ASP A 356 13.59 6.06 -26.55
CA ASP A 356 14.80 5.66 -27.26
C ASP A 356 15.81 6.79 -27.25
N LEU A 357 16.54 6.90 -26.13
CA LEU A 357 17.57 7.90 -26.00
C LEU A 357 18.94 7.36 -25.58
N GLY A 358 19.09 6.04 -25.43
CA GLY A 358 20.38 5.45 -25.00
C GLY A 358 21.43 5.40 -26.11
N ASP A 359 22.69 5.20 -25.70
CA ASP A 359 23.83 5.00 -26.61
C ASP A 359 24.13 3.50 -26.76
N TYR A 360 23.07 2.70 -26.90
CA TYR A 360 23.21 1.25 -27.08
C TYR A 360 23.60 0.88 -28.51
N ASP A 361 24.22 -0.28 -28.63
CA ASP A 361 24.38 -1.00 -29.88
C ASP A 361 23.01 -1.55 -30.31
N ARG A 362 22.42 -0.97 -31.34
CA ARG A 362 21.02 -1.26 -31.72
C ARG A 362 20.78 -2.69 -32.20
N GLU A 363 21.74 -3.27 -32.93
CA GLU A 363 21.65 -4.69 -33.35
C GLU A 363 21.70 -5.63 -32.13
N ARG A 364 22.46 -5.24 -31.11
CA ARG A 364 22.51 -6.03 -29.86
C ARG A 364 21.16 -5.99 -29.12
N LEU A 365 20.58 -4.80 -29.00
CA LEU A 365 19.26 -4.67 -28.39
C LEU A 365 18.20 -5.45 -29.18
N ILE A 366 18.25 -5.34 -30.52
CA ILE A 366 17.37 -6.15 -31.35
C ILE A 366 17.54 -7.65 -31.10
N GLY A 367 18.79 -8.12 -30.92
CA GLY A 367 19.06 -9.53 -30.63
C GLY A 367 18.43 -9.99 -29.33
N TYR A 368 18.64 -9.21 -28.27
CA TYR A 368 18.00 -9.46 -26.98
C TYR A 368 16.46 -9.45 -27.07
N LEU A 369 15.89 -8.57 -27.92
CA LEU A 369 14.43 -8.57 -28.11
C LEU A 369 13.97 -9.88 -28.73
N HIS A 370 14.67 -10.35 -29.76
CA HIS A 370 14.37 -11.66 -30.36
C HIS A 370 14.56 -12.82 -29.38
N ASP A 371 15.62 -12.78 -28.56
CA ASP A 371 15.85 -13.79 -27.50
C ASP A 371 14.66 -13.91 -26.55
N ALA A 372 13.99 -12.80 -26.28
CA ALA A 372 12.87 -12.81 -25.33
C ALA A 372 11.68 -13.63 -25.78
N THR A 373 11.63 -14.00 -27.07
CA THR A 373 10.60 -14.91 -27.58
C THR A 373 10.70 -16.32 -26.98
N SER A 374 11.87 -16.71 -26.49
CA SER A 374 12.03 -17.94 -25.68
C SER A 374 11.34 -17.92 -24.31
N ASP A 375 11.00 -16.75 -23.76
CA ASP A 375 10.43 -16.65 -22.41
C ASP A 375 9.01 -17.20 -22.35
N TYR A 376 8.64 -17.74 -21.20
CA TYR A 376 7.31 -18.31 -20.97
C TYR A 376 6.95 -18.14 -19.50
N PRO A 377 5.65 -18.18 -19.17
CA PRO A 377 5.25 -18.05 -17.75
C PRO A 377 5.60 -19.31 -16.97
N THR A 378 6.10 -19.16 -15.74
CA THR A 378 6.51 -20.32 -14.91
C THR A 378 5.40 -20.73 -13.94
N GLY A 379 4.18 -20.77 -14.43
CA GLY A 379 3.02 -21.01 -13.58
C GLY A 379 1.76 -20.53 -14.27
N SER A 380 0.64 -21.15 -13.89
CA SER A 380 -0.67 -20.87 -14.44
C SER A 380 -1.46 -19.84 -13.60
N ASP A 381 -0.95 -19.50 -12.41
CA ASP A 381 -1.62 -18.55 -11.52
C ASP A 381 -1.50 -17.09 -11.94
N THR A 382 -2.35 -16.26 -11.35
CA THR A 382 -2.40 -14.85 -11.66
C THR A 382 -1.08 -14.08 -11.44
N TYR A 383 -0.24 -14.50 -10.49
CA TYR A 383 1.02 -13.79 -10.24
C TYR A 383 2.07 -14.13 -11.28
N GLU A 384 2.35 -15.41 -11.46
CA GLU A 384 3.34 -15.84 -12.45
C GLU A 384 2.90 -15.45 -13.84
N LEU A 385 1.62 -15.57 -14.15
CA LEU A 385 1.12 -15.16 -15.44
C LEU A 385 1.24 -13.64 -15.60
N GLY A 386 0.92 -12.91 -14.52
CA GLY A 386 1.10 -11.47 -14.48
C GLY A 386 2.53 -11.04 -14.75
N LYS A 387 3.50 -11.69 -14.11
CA LYS A 387 4.90 -11.39 -14.36
C LYS A 387 5.31 -11.50 -15.84
N TYR A 388 4.81 -12.56 -16.49
CA TYR A 388 5.09 -12.84 -17.87
C TYR A 388 4.50 -11.76 -18.76
N ILE A 389 3.23 -11.40 -18.55
CA ILE A 389 2.63 -10.33 -19.39
C ILE A 389 3.17 -8.93 -19.09
N GLY A 390 3.70 -8.70 -17.90
CA GLY A 390 4.48 -7.49 -17.65
C GLY A 390 5.76 -7.46 -18.46
N LYS A 391 6.39 -8.62 -18.58
CA LYS A 391 7.59 -8.77 -19.38
C LYS A 391 7.31 -8.45 -20.85
N LEU A 392 6.27 -9.07 -21.41
CA LEU A 392 5.91 -8.79 -22.78
C LEU A 392 5.52 -7.33 -23.00
N ALA A 393 4.81 -6.74 -22.04
CA ALA A 393 4.35 -5.34 -22.18
C ALA A 393 5.49 -4.36 -22.17
N THR A 394 6.55 -4.70 -21.45
CA THR A 394 7.75 -3.91 -21.39
C THR A 394 8.58 -4.02 -22.68
N LEU A 395 8.57 -5.19 -23.33
CA LEU A 395 9.35 -5.41 -24.56
C LEU A 395 8.74 -4.70 -25.79
N ALA A 396 7.39 -4.64 -25.83
CA ALA A 396 6.71 -4.13 -27.01
C ALA A 396 7.14 -2.72 -27.44
N PRO A 397 7.13 -1.73 -26.52
CA PRO A 397 7.53 -0.38 -26.93
C PRO A 397 9.03 -0.25 -27.28
N ILE A 398 9.86 -1.11 -26.69
CA ILE A 398 11.27 -1.16 -27.04
C ILE A 398 11.42 -1.71 -28.47
N ALA A 399 10.66 -2.76 -28.81
CA ALA A 399 10.68 -3.31 -30.19
C ALA A 399 10.24 -2.27 -31.22
N ASP A 400 9.16 -1.51 -30.93
CA ASP A 400 8.75 -0.33 -31.74
C ASP A 400 9.88 0.67 -31.95
N GLN A 401 10.59 0.99 -30.87
CA GLN A 401 11.69 1.94 -30.94
C GLN A 401 12.82 1.42 -31.84
N GLY A 403 12.45 -0.23 -34.45
CA GLY A 403 11.90 -0.50 -35.79
C GLY A 403 11.38 -1.92 -36.01
N GLU A 404 11.33 -2.74 -34.97
CA GLU A 404 10.85 -4.11 -35.08
C GLU A 404 9.35 -4.18 -34.80
N TYR A 405 8.56 -3.62 -35.72
CA TYR A 405 7.12 -3.46 -35.49
C TYR A 405 6.39 -4.80 -35.51
N GLU A 406 6.81 -5.72 -36.37
CA GLU A 406 6.27 -7.10 -36.38
C GLU A 406 6.46 -7.78 -35.04
N LEU A 407 7.67 -7.68 -34.50
CA LEU A 407 7.98 -8.24 -33.21
C LEU A 407 7.15 -7.59 -32.11
N ALA A 408 7.04 -6.26 -32.13
CA ALA A 408 6.19 -5.56 -31.18
C ALA A 408 4.76 -6.04 -31.24
N GLU A 409 4.28 -6.21 -32.48
CA GLU A 409 2.93 -6.71 -32.72
C GLU A 409 2.75 -8.16 -32.25
N GLN A 410 3.78 -8.98 -32.42
CA GLN A 410 3.77 -10.33 -31.88
C GLN A 410 3.59 -10.30 -30.35
N PHE A 411 4.32 -9.41 -29.69
CA PHE A 411 4.22 -9.29 -28.24
C PHE A 411 2.79 -8.85 -27.86
N ARG A 412 2.29 -7.79 -28.51
CA ARG A 412 0.94 -7.31 -28.22
C ARG A 412 -0.14 -8.34 -28.55
N GLY A 413 0.09 -9.17 -29.58
CA GLY A 413 -0.83 -10.21 -29.94
C GLY A 413 -0.93 -11.26 -28.85
N GLU A 414 0.23 -11.66 -28.32
CA GLU A 414 0.30 -12.60 -27.20
C GLU A 414 -0.41 -12.05 -25.96
N LEU A 415 -0.22 -10.76 -25.68
CA LEU A 415 -0.94 -10.08 -24.62
C LEU A 415 -2.46 -10.15 -24.85
N LYS A 416 -2.90 -9.86 -26.06
CA LYS A 416 -4.33 -9.94 -26.38
C LYS A 416 -4.89 -11.37 -26.22
N ASP A 417 -4.17 -12.38 -26.68
CA ASP A 417 -4.66 -13.76 -26.55
C ASP A 417 -4.81 -14.19 -25.10
N ILE A 418 -3.85 -13.81 -24.27
CA ILE A 418 -3.85 -14.13 -22.84
C ILE A 418 -4.99 -13.39 -22.16
N LEU A 419 -5.07 -12.08 -22.35
CA LEU A 419 -6.15 -11.31 -21.76
C LEU A 419 -7.52 -11.71 -22.29
N GLU A 420 -7.67 -11.92 -23.59
CA GLU A 420 -9.00 -12.29 -24.12
C GLU A 420 -9.45 -13.67 -23.59
N ASP A 421 -8.50 -14.51 -23.18
CA ASP A 421 -8.78 -15.75 -22.46
C ASP A 421 -9.23 -15.46 -21.02
N TRP A 422 -8.37 -14.84 -20.20
CA TRP A 422 -8.65 -14.59 -18.77
C TRP A 422 -9.89 -13.74 -18.50
N LEU A 423 -10.18 -12.82 -19.42
CA LEU A 423 -11.29 -11.91 -19.25
C LEU A 423 -12.63 -12.51 -19.69
N GLN A 424 -12.66 -13.79 -20.10
CA GLN A 424 -13.91 -14.54 -20.34
C GLN A 424 -14.04 -15.66 -19.34
N ALA A 425 -15.19 -15.74 -18.68
CA ALA A 425 -15.44 -16.78 -17.69
C ALA A 425 -15.97 -18.08 -18.34
N THR A 426 -16.49 -18.00 -19.56
CA THR A 426 -17.13 -19.14 -20.22
C THR A 426 -16.32 -19.64 -21.41
N ASN A 427 -16.34 -20.95 -21.62
CA ASN A 427 -15.70 -21.55 -22.79
C ASN A 427 -16.63 -21.51 -24.05
N ALA A 428 -16.12 -22.06 -25.15
CA ALA A 428 -16.84 -22.19 -26.44
C ALA A 428 -18.30 -22.70 -26.35
N SER A 429 -18.56 -23.62 -25.42
CA SER A 429 -19.90 -24.16 -25.26
C SER A 429 -20.79 -23.38 -24.28
N GLY A 430 -20.27 -22.34 -23.63
CA GLY A 430 -21.04 -21.50 -22.72
C GLY A 430 -21.05 -21.98 -21.28
N GLN A 431 -20.21 -22.95 -20.97
CA GLN A 431 -20.08 -23.51 -19.61
C GLN A 431 -18.93 -22.70 -18.93
N LEU A 432 -18.88 -22.66 -17.60
CA LEU A 432 -17.77 -22.00 -16.90
C LEU A 432 -16.49 -22.79 -17.06
N LYS A 433 -15.39 -22.06 -17.21
CA LYS A 433 -14.09 -22.68 -17.32
C LYS A 433 -13.61 -23.07 -15.94
N GLY A 434 -12.60 -23.96 -15.91
CA GLY A 434 -11.98 -24.41 -14.66
C GLY A 434 -10.68 -23.69 -14.30
N LYS A 435 -10.23 -22.78 -15.16
CA LYS A 435 -9.03 -22.00 -14.91
C LYS A 435 -8.98 -20.85 -15.94
N ASN A 436 -8.10 -19.89 -15.67
CA ASN A 436 -7.94 -18.67 -16.47
C ASN A 436 -9.22 -17.86 -16.48
N LEU A 437 -9.78 -17.61 -15.31
CA LEU A 437 -10.99 -16.83 -15.22
C LEU A 437 -11.07 -16.02 -13.95
N PHE A 438 -11.99 -15.07 -13.96
CA PHE A 438 -12.30 -14.26 -12.79
C PHE A 438 -13.67 -14.58 -12.28
N TYR A 439 -13.81 -14.53 -10.95
CA TYR A 439 -15.05 -14.88 -10.25
C TYR A 439 -15.33 -13.83 -9.20
N TYR A 440 -16.58 -13.40 -9.09
CA TYR A 440 -17.00 -12.43 -8.10
C TYR A 440 -17.55 -13.18 -6.89
N ASN A 441 -16.84 -13.09 -5.76
CA ASN A 441 -17.30 -13.61 -4.48
C ASN A 441 -18.25 -12.58 -3.90
N GLU A 442 -19.51 -12.97 -3.73
CA GLU A 442 -20.55 -12.05 -3.25
C GLU A 442 -20.44 -11.79 -1.73
N ASN A 443 -20.06 -12.82 -0.98
CA ASN A 443 -20.00 -12.77 0.47
C ASN A 443 -19.20 -11.56 0.98
N TRP A 444 -18.01 -11.38 0.41
CA TRP A 444 -17.13 -10.24 0.68
C TRP A 444 -17.32 -9.12 -0.33
N GLY A 445 -17.45 -9.49 -1.60
CA GLY A 445 -17.51 -8.49 -2.69
C GLY A 445 -16.12 -8.20 -3.21
N THR A 446 -15.59 -9.15 -3.98
CA THR A 446 -14.26 -9.05 -4.58
C THR A 446 -14.15 -9.98 -5.79
N ILE A 447 -13.30 -9.59 -6.75
CA ILE A 447 -12.93 -10.41 -7.88
C ILE A 447 -11.72 -11.29 -7.55
N LEU A 448 -11.87 -12.58 -7.80
CA LEU A 448 -10.84 -13.58 -7.54
C LEU A 448 -10.48 -14.22 -8.87
N GLY A 449 -9.20 -14.45 -9.07
CA GLY A 449 -8.70 -15.07 -10.29
C GLY A 449 -8.23 -16.48 -9.98
N TYR A 450 -8.55 -17.41 -10.87
CA TYR A 450 -8.11 -18.79 -10.77
C TYR A 450 -7.39 -19.16 -12.07
N HIS A 451 -6.22 -19.79 -12.03
CA HIS A 451 -5.55 -20.21 -10.80
C HIS A 451 -5.03 -19.06 -9.93
N ALA A 452 -5.11 -19.27 -8.63
CA ALA A 452 -4.69 -18.31 -7.62
C ALA A 452 -3.40 -18.76 -6.95
N ALA A 453 -2.70 -17.82 -6.32
CA ALA A 453 -1.48 -18.13 -5.58
C ALA A 453 -1.23 -17.03 -4.55
N HIS A 454 -0.36 -17.33 -3.58
CA HIS A 454 -0.04 -16.45 -2.45
C HIS A 454 -1.29 -15.96 -1.70
N SER A 455 -2.27 -16.83 -1.61
CA SER A 455 -3.53 -16.57 -0.93
C SER A 455 -4.33 -15.40 -1.50
N SER A 456 -4.13 -15.10 -2.79
CA SER A 456 -4.93 -14.12 -3.52
C SER A 456 -6.44 -14.39 -3.48
N ALA A 457 -6.86 -15.65 -3.40
CA ALA A 457 -8.27 -15.96 -3.27
C ALA A 457 -8.68 -16.40 -1.86
N THR A 458 -7.84 -17.11 -1.15
CA THR A 458 -8.21 -17.58 0.19
C THR A 458 -8.17 -16.51 1.28
N ARG A 459 -7.32 -15.50 1.10
CA ARG A 459 -7.18 -14.39 2.04
C ARG A 459 -7.43 -13.00 1.42
N ILE A 460 -7.77 -12.96 0.13
CA ILE A 460 -7.97 -11.71 -0.60
C ILE A 460 -6.69 -10.87 -0.55
N ASN A 461 -5.55 -11.55 -0.72
CA ASN A 461 -4.24 -10.89 -0.68
C ASN A 461 -3.81 -10.38 -2.06
N ASP A 462 -3.01 -9.30 -2.04
CA ASP A 462 -2.12 -8.92 -3.13
C ASP A 462 -2.85 -8.62 -4.46
N HIS A 463 -4.10 -8.15 -4.40
CA HIS A 463 -4.85 -7.93 -5.63
C HIS A 463 -4.21 -6.84 -6.52
N HIS A 464 -3.68 -5.78 -5.89
CA HIS A 464 -2.92 -4.78 -6.64
C HIS A 464 -1.66 -5.34 -7.32
N PHE A 465 -0.95 -6.25 -6.64
CA PHE A 465 0.29 -6.84 -7.13
C PHE A 465 -0.02 -7.67 -8.36
N HIS A 466 -1.01 -8.55 -8.26
CA HIS A 466 -1.35 -9.42 -9.36
C HIS A 466 -2.01 -8.62 -10.49
N TYR A 467 -3.15 -7.98 -10.20
CA TYR A 467 -3.97 -7.38 -11.24
C TYR A 467 -3.31 -6.17 -11.87
N GLY A 468 -2.33 -5.58 -11.18
CA GLY A 468 -1.50 -4.52 -11.73
C GLY A 468 -0.79 -4.90 -13.02
N TYR A 469 -0.30 -6.15 -13.08
CA TYR A 469 0.32 -6.66 -14.29
C TYR A 469 -0.72 -6.82 -15.42
N PHE A 470 -1.95 -7.20 -15.08
CA PHE A 470 -3.02 -7.32 -16.10
C PHE A 470 -3.35 -5.95 -16.71
N VAL A 471 -3.31 -4.92 -15.88
CA VAL A 471 -3.59 -3.54 -16.31
C VAL A 471 -2.41 -3.01 -17.13
N LYS A 472 -1.19 -3.42 -16.78
CA LYS A 472 0.01 -3.10 -17.57
C LYS A 472 -0.14 -3.62 -18.99
N ALA A 473 -0.53 -4.90 -19.10
CA ALA A 473 -0.76 -5.57 -20.37
C ALA A 473 -1.79 -4.81 -21.21
N ALA A 474 -2.91 -4.49 -20.57
CA ALA A 474 -3.99 -3.73 -21.20
C ALA A 474 -3.62 -2.30 -21.58
N ALA A 475 -2.78 -1.64 -20.78
CA ALA A 475 -2.37 -0.26 -21.07
C ALA A 475 -1.48 -0.21 -22.30
N GLU A 476 -0.57 -1.18 -22.39
CA GLU A 476 0.27 -1.30 -23.58
C GLU A 476 -0.55 -1.62 -24.85
N ILE A 477 -1.58 -2.48 -24.75
CA ILE A 477 -2.47 -2.72 -25.90
C ILE A 477 -3.23 -1.45 -26.27
N ALA A 478 -3.74 -0.73 -25.26
CA ALA A 478 -4.49 0.52 -25.47
C ALA A 478 -3.65 1.62 -26.12
N ARG A 479 -2.36 1.66 -25.81
CA ARG A 479 -1.44 2.63 -26.40
C ARG A 479 -1.30 2.47 -27.92
N ALA A 480 -1.46 1.23 -28.42
CA ALA A 480 -1.41 0.95 -29.86
C ALA A 480 -2.78 0.76 -30.52
N ASP A 481 -3.80 0.42 -29.73
CA ASP A 481 -5.12 0.01 -30.23
C ASP A 481 -6.21 0.47 -29.25
N GLN A 482 -6.73 1.67 -29.48
CA GLN A 482 -7.79 2.24 -28.66
C GLN A 482 -9.09 1.46 -28.77
N GLU A 483 -9.35 0.89 -29.95
CA GLU A 483 -10.57 0.12 -30.21
C GLU A 483 -10.75 -1.04 -29.21
N TRP A 484 -9.68 -1.82 -29.04
CA TRP A 484 -9.64 -2.96 -28.13
C TRP A 484 -9.99 -2.55 -26.70
N ALA A 485 -9.45 -1.41 -26.27
CA ALA A 485 -9.64 -0.91 -24.90
C ALA A 485 -11.00 -0.27 -24.60
N LYS A 486 -11.85 -0.09 -25.61
CA LYS A 486 -13.22 0.43 -25.38
C LYS A 486 -13.99 -0.46 -24.41
N SER A 487 -14.91 0.13 -23.65
CA SER A 487 -15.59 -0.65 -22.59
C SER A 487 -16.52 -1.76 -23.13
N GLU A 488 -17.19 -1.49 -24.25
CA GLU A 488 -17.98 -2.51 -24.97
C GLU A 488 -17.12 -3.67 -25.56
N ASN A 489 -15.81 -3.44 -25.69
CA ASN A 489 -14.91 -4.52 -26.08
C ASN A 489 -14.28 -5.16 -24.84
N TRP A 490 -12.97 -5.01 -24.63
CA TRP A 490 -12.26 -5.64 -23.52
C TRP A 490 -12.02 -4.70 -22.34
N GLY A 491 -12.33 -3.42 -22.54
CA GLY A 491 -12.14 -2.38 -21.54
C GLY A 491 -12.99 -2.52 -20.30
N GLY A 492 -14.21 -3.01 -20.47
CA GLY A 492 -15.13 -3.15 -19.35
C GLY A 492 -14.59 -4.06 -18.28
N ILE A 494 -11.33 -4.90 -17.83
CA ILE A 494 -10.17 -4.22 -17.25
C ILE A 494 -10.64 -3.19 -16.21
N ASP A 495 -11.65 -2.39 -16.53
CA ASP A 495 -12.18 -1.43 -15.55
C ASP A 495 -12.76 -2.15 -14.31
N LEU A 496 -13.25 -3.36 -14.48
CA LEU A 496 -13.74 -4.15 -13.36
C LEU A 496 -12.64 -4.62 -12.41
N LEU A 497 -11.53 -5.13 -12.94
CA LEU A 497 -10.37 -5.48 -12.14
C LEU A 497 -9.86 -4.30 -11.36
N ILE A 498 -9.79 -3.14 -12.03
CA ILE A 498 -9.31 -1.91 -11.40
C ILE A 498 -10.22 -1.56 -10.23
N ARG A 499 -11.52 -1.68 -10.44
CA ARG A 499 -12.51 -1.43 -9.40
C ARG A 499 -12.37 -2.39 -8.22
N ASP A 500 -12.02 -3.64 -8.47
CA ASP A 500 -11.77 -4.53 -7.34
C ASP A 500 -10.76 -3.96 -6.34
N PHE A 501 -9.63 -3.47 -6.85
CA PHE A 501 -8.52 -3.04 -5.98
C PHE A 501 -8.46 -1.55 -5.65
N ALA A 503 -11.67 0.80 -6.09
CA ALA A 503 -12.98 1.39 -6.40
C ALA A 503 -13.12 2.81 -5.83
N ASP A 504 -13.88 3.65 -6.52
CA ASP A 504 -14.36 4.93 -5.97
C ASP A 504 -15.43 4.65 -4.89
N ARG A 505 -15.93 5.70 -4.24
CA ARG A 505 -17.02 5.59 -3.25
C ARG A 505 -18.34 5.12 -3.87
N ASP A 506 -19.16 4.44 -3.08
CA ASP A 506 -20.51 3.97 -3.49
C ASP A 506 -20.50 3.05 -4.70
N ASP A 507 -19.47 2.22 -4.79
CA ASP A 507 -19.41 1.22 -5.82
C ASP A 507 -20.28 0.05 -5.36
N ASP A 508 -21.15 -0.43 -6.24
CA ASP A 508 -22.11 -1.51 -5.90
C ASP A 508 -21.47 -2.87 -5.61
N LEU A 509 -20.30 -3.13 -6.19
CA LEU A 509 -19.65 -4.42 -6.08
C LEU A 509 -18.48 -4.48 -5.10
N PHE A 510 -17.86 -3.33 -4.81
CA PHE A 510 -16.56 -3.28 -4.12
C PHE A 510 -16.46 -2.17 -3.06
N PRO A 511 -15.70 -2.46 -2.00
CA PRO A 511 -15.47 -1.41 -1.01
C PRO A 511 -14.53 -0.34 -1.55
N TYR A 512 -14.52 0.80 -0.87
CA TYR A 512 -13.72 1.97 -1.28
C TYR A 512 -12.21 1.69 -1.17
N LEU A 513 -11.45 1.99 -2.23
CA LEU A 513 -10.01 1.86 -2.27
C LEU A 513 -9.49 0.68 -1.45
N ARG A 514 -9.86 -0.53 -1.86
CA ARG A 514 -9.60 -1.74 -1.08
C ARG A 514 -8.22 -1.74 -0.41
N PHE A 516 -5.84 0.50 -0.09
CA PHE A 516 -5.18 1.68 0.43
C PHE A 516 -5.68 2.13 1.79
N ASP A 517 -4.73 2.49 2.65
CA ASP A 517 -5.03 3.09 3.94
C ASP A 517 -4.71 4.56 3.78
N PRO A 518 -5.75 5.42 3.62
CA PRO A 518 -5.48 6.84 3.37
C PRO A 518 -4.72 7.57 4.46
N TYR A 519 -4.80 7.11 5.71
CA TYR A 519 -4.16 7.79 6.83
C TYR A 519 -2.71 7.32 7.04
N SER A 520 -2.52 6.00 7.05
CA SER A 520 -1.18 5.38 7.12
C SER A 520 -0.35 5.69 5.88
N GLY A 521 -1.02 5.91 4.76
CA GLY A 521 -0.37 6.36 3.56
C GLY A 521 0.11 5.26 2.65
N ASN A 522 -0.16 4.02 2.98
CA ASN A 522 0.34 2.89 2.19
C ASN A 522 -0.77 1.89 1.96
N SER A 523 -0.53 0.97 1.04
CA SER A 523 -1.39 -0.18 0.81
C SER A 523 -1.07 -1.26 1.83
N TRP A 524 -2.08 -2.03 2.21
CA TRP A 524 -1.91 -3.21 3.06
C TRP A 524 -2.23 -4.41 2.21
N ALA A 525 -1.30 -5.35 2.14
CA ALA A 525 -1.39 -6.46 1.21
C ALA A 525 -2.25 -7.65 1.65
N ASP A 526 -2.42 -7.88 2.95
CA ASP A 526 -3.22 -9.02 3.41
C ASP A 526 -4.70 -8.66 3.54
N GLY A 527 -5.57 -9.39 2.86
CA GLY A 527 -7.00 -9.12 2.94
C GLY A 527 -7.59 -9.31 4.33
N LEU A 528 -7.05 -10.20 5.14
CA LEU A 528 -7.66 -10.49 6.44
C LEU A 528 -7.00 -9.84 7.65
N ALA A 529 -5.70 -9.58 7.56
CA ALA A 529 -4.90 -8.95 8.64
C ALA A 529 -4.82 -9.76 9.94
N THR A 530 -5.02 -11.07 9.87
CA THR A 530 -4.98 -11.93 11.03
C THR A 530 -3.58 -12.29 11.48
N PHE A 531 -2.83 -11.27 11.91
CA PHE A 531 -1.50 -11.42 12.49
C PHE A 531 -1.43 -10.51 13.70
N ASP A 532 -0.65 -10.92 14.71
CA ASP A 532 -0.46 -10.08 15.92
C ASP A 532 0.46 -8.86 15.70
N ALA A 533 0.99 -8.71 14.49
CA ALA A 533 1.66 -7.49 14.08
C ALA A 533 0.76 -6.59 13.21
N GLY A 534 -0.53 -6.88 13.14
CA GLY A 534 -1.44 -6.12 12.26
C GLY A 534 -1.30 -6.55 10.81
N ASN A 535 -1.60 -5.63 9.90
CA ASN A 535 -1.43 -5.94 8.48
C ASN A 535 0.01 -5.65 8.06
N ASN A 536 0.36 -5.97 6.81
CA ASN A 536 1.73 -5.81 6.29
C ASN A 536 1.73 -5.46 4.82
N GLN A 537 2.85 -4.93 4.34
CA GLN A 537 3.13 -4.82 2.93
C GLN A 537 4.60 -5.08 2.70
N GLU A 538 4.87 -5.98 1.77
CA GLU A 538 6.24 -6.29 1.40
C GLU A 538 6.62 -5.49 0.17
N SER A 539 6.07 -5.79 -1.01
CA SER A 539 6.50 -5.07 -2.23
C SER A 539 5.75 -3.76 -2.51
N SER A 540 6.27 -2.67 -1.98
CA SER A 540 5.75 -1.34 -2.23
C SER A 540 5.91 -0.94 -3.69
N SER A 541 6.94 -1.44 -4.33
CA SER A 541 7.18 -1.21 -5.75
C SER A 541 6.11 -1.83 -6.62
N GLU A 542 5.63 -3.03 -6.28
CA GLU A 542 4.52 -3.66 -7.00
C GLU A 542 3.20 -2.90 -6.80
N ALA A 543 3.03 -2.25 -5.66
CA ALA A 543 1.89 -1.37 -5.45
C ALA A 543 1.98 -0.13 -6.35
N HIS A 545 3.68 0.13 -9.03
CA HIS A 545 3.48 -0.43 -10.36
C HIS A 545 1.99 -0.47 -10.74
N ALA A 546 1.14 -0.97 -9.84
CA ALA A 546 -0.31 -1.00 -10.03
C ALA A 546 -0.88 0.40 -10.26
N TRP A 547 -0.52 1.35 -9.41
CA TRP A 547 -1.02 2.71 -9.57
C TRP A 547 -0.53 3.34 -10.88
N THR A 548 0.73 3.11 -11.22
CA THR A 548 1.29 3.63 -12.47
C THR A 548 0.47 3.16 -13.66
N ASN A 549 0.15 1.88 -13.68
CA ASN A 549 -0.57 1.30 -14.80
C ASN A 549 -2.01 1.70 -14.92
N VAL A 550 -2.63 2.02 -13.80
CA VAL A 550 -3.97 2.57 -13.86
C VAL A 550 -3.88 3.98 -14.42
N ILE A 551 -2.82 4.74 -14.09
CA ILE A 551 -2.64 6.09 -14.67
C ILE A 551 -2.53 5.99 -16.19
N LEU A 552 -1.74 5.02 -16.68
CA LEU A 552 -1.50 4.87 -18.14
C LEU A 552 -2.74 4.39 -18.88
N TRP A 553 -3.40 3.38 -18.34
CA TRP A 553 -4.68 2.88 -18.83
C TRP A 553 -5.73 3.97 -18.93
N ALA A 554 -5.86 4.72 -17.83
CA ALA A 554 -6.87 5.75 -17.75
C ALA A 554 -6.58 6.92 -18.68
N GLU A 555 -5.32 7.27 -18.86
CA GLU A 555 -4.95 8.29 -19.84
C GLU A 555 -5.20 7.79 -21.27
N ALA A 556 -4.83 6.55 -21.56
CA ALA A 556 -5.06 5.97 -22.88
C ALA A 556 -6.53 5.88 -23.28
N THR A 557 -7.40 5.63 -22.31
CA THR A 557 -8.84 5.42 -22.57
C THR A 557 -9.72 6.65 -22.28
N GLY A 558 -9.09 7.80 -21.96
CA GLY A 558 -9.82 9.05 -21.68
C GLY A 558 -10.63 9.11 -20.39
N ASN A 559 -10.18 8.42 -19.34
CA ASN A 559 -10.92 8.39 -18.08
C ASN A 559 -10.22 9.26 -17.01
N LYS A 560 -10.59 10.53 -17.00
CA LYS A 560 -9.97 11.52 -16.13
C LYS A 560 -10.17 11.20 -14.62
N ALA A 561 -11.39 10.90 -14.20
CA ALA A 561 -11.70 10.59 -12.79
C ALA A 561 -10.85 9.43 -12.26
N LEU A 562 -10.69 8.40 -13.07
CA LEU A 562 -9.93 7.22 -12.69
C LEU A 562 -8.43 7.52 -12.62
N ARG A 563 -7.95 8.26 -13.60
CA ARG A 563 -6.56 8.67 -13.69
C ARG A 563 -6.14 9.48 -12.49
N ASP A 564 -6.95 10.47 -12.12
CA ASP A 564 -6.62 11.32 -10.99
C ASP A 564 -6.56 10.55 -9.67
N ARG A 565 -7.45 9.55 -9.52
CA ARG A 565 -7.44 8.71 -8.34
C ARG A 565 -6.16 7.89 -8.24
N ALA A 566 -5.69 7.36 -9.36
CA ALA A 566 -4.43 6.63 -9.37
C ALA A 566 -3.25 7.56 -9.12
N ILE A 567 -3.35 8.80 -9.59
CA ILE A 567 -2.34 9.83 -9.28
C ILE A 567 -2.26 10.11 -7.78
N TYR A 568 -3.43 10.31 -7.18
CA TYR A 568 -3.55 10.46 -5.73
C TYR A 568 -2.86 9.31 -4.97
N LEU A 569 -3.15 8.09 -5.38
CA LEU A 569 -2.53 6.91 -4.77
C LEU A 569 -1.04 6.79 -5.04
N TYR A 570 -0.60 6.98 -6.28
CA TYR A 570 0.83 6.89 -6.61
C TYR A 570 1.62 7.84 -5.73
N THR A 571 1.09 9.05 -5.56
CA THR A 571 1.82 10.14 -4.93
C THR A 571 1.80 10.03 -3.43
N THR A 572 0.67 9.62 -2.84
CA THR A 572 0.60 9.41 -1.41
C THR A 572 1.45 8.21 -0.98
N GLU A 573 1.34 7.11 -1.70
CA GLU A 573 2.12 5.90 -1.40
C GLU A 573 3.63 6.19 -1.49
N SER A 575 5.09 8.92 -0.74
CA SER A 575 5.45 9.63 0.49
C SER A 575 5.59 8.64 1.63
N ALA A 576 4.73 7.63 1.72
CA ALA A 576 4.90 6.59 2.75
C ALA A 576 6.14 5.73 2.51
N ILE A 577 6.42 5.38 1.25
CA ILE A 577 7.58 4.55 0.92
C ILE A 577 8.90 5.19 1.36
N ASN A 578 9.07 6.44 0.99
CA ASN A 578 10.27 7.18 1.32
C ASN A 578 10.54 7.31 2.82
N GLU A 579 9.49 7.31 3.65
CA GLU A 579 9.65 7.31 5.10
C GLU A 579 9.87 5.93 5.69
N TYR A 580 8.96 5.00 5.41
CA TYR A 580 8.87 3.76 6.21
C TYR A 580 9.60 2.58 5.60
N PHE A 581 9.79 2.59 4.29
CA PHE A 581 10.60 1.56 3.63
C PHE A 581 12.05 2.00 3.46
N PHE A 582 12.27 3.22 2.98
CA PHE A 582 13.60 3.72 2.73
C PHE A 582 14.20 4.58 3.86
N ASP A 583 13.35 5.21 4.67
CA ASP A 583 13.80 6.23 5.62
C ASP A 583 14.85 7.20 5.04
N VAL A 584 14.47 7.92 4.00
CA VAL A 584 15.44 8.73 3.26
C VAL A 584 16.01 9.90 4.07
N HIS A 585 15.26 10.34 5.06
CA HIS A 585 15.65 11.46 5.90
C HIS A 585 16.49 11.02 7.11
N GLN A 586 16.64 9.72 7.31
CA GLN A 586 17.40 9.11 8.41
C GLN A 586 16.93 9.57 9.75
N GLU A 587 15.61 9.44 9.98
CA GLU A 587 15.00 9.80 11.26
C GLU A 587 14.16 8.68 11.90
N ILE A 588 13.89 7.60 11.18
CA ILE A 588 12.90 6.64 11.63
C ILE A 588 13.55 5.35 12.10
N PHE A 589 14.44 4.78 11.31
CA PHE A 589 15.07 3.53 11.73
C PHE A 589 15.98 3.80 12.93
N PRO A 590 16.00 2.90 13.93
CA PRO A 590 16.99 3.03 15.00
C PRO A 590 18.43 2.99 14.50
N GLU A 591 19.33 3.70 15.18
CA GLU A 591 20.72 3.82 14.77
C GLU A 591 21.37 2.45 14.63
N GLU A 592 21.13 1.57 15.60
CA GLU A 592 21.67 0.20 15.61
C GLU A 592 21.13 -0.77 14.50
N TYR A 593 20.06 -0.38 13.80
CA TYR A 593 19.58 -1.12 12.62
C TYR A 593 20.56 -0.95 11.45
N GLY A 594 21.16 -2.07 11.04
CA GLY A 594 22.21 -2.09 10.02
C GLY A 594 21.75 -1.81 8.61
N PRO A 595 20.64 -2.46 8.18
CA PRO A 595 20.22 -2.28 6.79
C PRO A 595 19.75 -0.88 6.47
N GLU A 596 19.79 -0.58 5.19
CA GLU A 596 19.30 0.69 4.67
C GLU A 596 17.96 0.51 3.99
N ILE A 597 17.21 -0.50 4.42
CA ILE A 597 15.86 -0.68 3.96
C ILE A 597 15.11 -1.53 4.96
N VAL A 598 13.80 -1.28 5.03
CA VAL A 598 12.87 -2.20 5.64
C VAL A 598 12.16 -2.87 4.48
N THR A 599 12.08 -4.19 4.53
CA THR A 599 11.53 -4.98 3.44
C THR A 599 10.00 -5.14 3.60
N ILE A 600 9.58 -5.49 4.81
CA ILE A 600 8.18 -5.68 5.15
C ILE A 600 7.83 -4.72 6.29
N ASN A 601 6.85 -3.86 6.03
CA ASN A 601 6.29 -2.97 7.03
C ASN A 601 5.02 -3.57 7.54
N TRP A 602 4.92 -3.65 8.86
CA TRP A 602 3.72 -4.08 9.50
C TRP A 602 3.11 -2.95 10.32
N GLY A 603 1.89 -3.14 10.77
CA GLY A 603 1.30 -2.30 11.81
C GLY A 603 2.22 -2.09 13.01
N GLY A 604 2.79 -3.16 13.54
CA GLY A 604 3.50 -3.12 14.81
C GLY A 604 4.99 -3.38 14.81
N LYS A 605 5.57 -3.59 13.62
CA LYS A 605 6.98 -4.00 13.51
C LYS A 605 7.53 -3.80 12.09
N ASP A 607 10.51 -5.51 9.34
CA ASP A 607 11.38 -6.64 9.04
C ASP A 607 12.31 -6.36 7.84
N HIS A 608 13.59 -6.70 8.01
CA HIS A 608 14.51 -6.96 6.88
C HIS A 608 14.46 -8.48 6.66
N ALA A 609 13.54 -8.89 5.82
CA ALA A 609 13.16 -10.28 5.65
C ALA A 609 12.15 -10.33 4.51
N THR A 610 12.07 -11.49 3.86
CA THR A 610 11.10 -11.73 2.82
C THR A 610 10.10 -12.81 3.26
N TRP A 611 8.97 -12.86 2.58
CA TRP A 611 7.95 -13.88 2.83
C TRP A 611 8.36 -15.32 2.49
N TRP A 612 9.45 -15.48 1.73
CA TRP A 612 10.04 -16.78 1.42
C TRP A 612 11.53 -16.75 1.85
N ASN A 613 12.17 -17.92 1.88
CA ASN A 613 13.60 -18.01 2.21
C ASN A 613 14.46 -17.49 1.02
N SER A 614 15.10 -16.35 1.23
CA SER A 614 15.82 -15.64 0.18
C SER A 614 17.22 -15.32 0.65
N GLY A 615 18.03 -14.81 -0.27
CA GLY A 615 19.34 -14.23 0.04
C GLY A 615 19.32 -12.73 0.22
N LYS A 616 20.46 -12.10 0.01
CA LYS A 616 20.67 -10.71 0.41
C LYS A 616 20.07 -9.64 -0.51
N VAL A 617 20.22 -9.84 -1.82
CA VAL A 617 19.74 -8.86 -2.80
C VAL A 617 18.22 -8.75 -2.73
N GLU A 618 17.55 -9.90 -2.62
CA GLU A 618 16.09 -9.98 -2.66
C GLU A 618 15.44 -9.12 -1.56
N LYS A 619 16.07 -9.05 -0.39
CA LYS A 619 15.52 -8.30 0.72
C LYS A 619 15.59 -6.77 0.50
N TYR A 620 16.37 -6.34 -0.49
CA TYR A 620 16.32 -4.98 -1.02
C TYR A 620 15.42 -4.89 -2.26
N ALA A 621 15.74 -5.71 -3.24
CA ALA A 621 15.16 -5.59 -4.57
C ALA A 621 13.69 -5.91 -4.70
N ILE A 622 13.10 -6.57 -3.70
CA ILE A 622 11.64 -6.79 -3.69
C ILE A 622 10.83 -5.46 -3.55
N ASN A 623 11.50 -4.38 -3.11
CA ASN A 623 10.94 -3.03 -3.08
C ASN A 623 11.45 -2.10 -4.20
N TRP A 624 12.07 -2.69 -5.21
CA TRP A 624 12.43 -2.00 -6.45
C TRP A 624 11.68 -2.54 -7.67
N LEU A 625 11.45 -3.84 -7.72
CA LEU A 625 10.87 -4.50 -8.89
C LEU A 625 9.35 -4.38 -8.97
N PRO A 626 8.78 -4.49 -10.18
CA PRO A 626 9.48 -4.55 -11.45
C PRO A 626 9.92 -3.15 -11.85
N PHE A 627 10.87 -3.05 -12.78
CA PHE A 627 11.28 -1.73 -13.33
C PHE A 627 10.38 -1.40 -14.51
N HIS A 628 9.89 -0.17 -14.56
CA HIS A 628 8.92 0.29 -15.56
C HIS A 628 8.93 1.83 -15.63
N GLY A 629 8.13 2.40 -16.51
CA GLY A 629 8.12 3.85 -16.70
C GLY A 629 7.58 4.70 -15.56
N GLY A 630 7.02 4.04 -14.53
CA GLY A 630 6.67 4.66 -13.25
C GLY A 630 7.70 4.54 -12.14
N SER A 631 8.83 3.90 -12.43
CA SER A 631 9.86 3.58 -11.43
C SER A 631 10.77 4.73 -11.05
N LEU A 632 10.65 5.88 -11.71
CA LEU A 632 11.61 6.99 -11.52
C LEU A 632 11.54 7.58 -10.12
N TYR A 633 10.45 7.35 -9.39
CA TYR A 633 10.34 7.74 -7.98
C TYR A 633 11.48 7.18 -7.12
N LEU A 634 12.00 6.02 -7.49
CA LEU A 634 13.14 5.39 -6.79
C LEU A 634 14.42 6.20 -6.81
N GLY A 635 14.55 7.11 -7.75
CA GLY A 635 15.75 7.90 -7.91
C GLY A 635 15.63 9.32 -7.44
N HIS A 636 14.56 9.65 -6.72
CA HIS A 636 14.38 11.04 -6.24
C HIS A 636 15.36 11.46 -5.20
N HIS A 637 15.90 10.50 -4.46
CA HIS A 637 16.84 10.78 -3.36
C HIS A 637 18.18 10.08 -3.63
N PRO A 638 19.03 10.70 -4.47
CA PRO A 638 20.31 10.07 -4.86
C PRO A 638 21.22 9.62 -3.71
N ASP A 639 21.30 10.39 -2.64
CA ASP A 639 22.10 9.98 -1.47
C ASP A 639 21.56 8.71 -0.84
N TYR A 640 20.23 8.55 -0.81
CA TYR A 640 19.63 7.32 -0.31
C TYR A 640 20.01 6.16 -1.22
N VAL A 641 19.89 6.38 -2.52
CA VAL A 641 20.22 5.35 -3.51
C VAL A 641 21.69 4.90 -3.37
N ASP A 642 22.60 5.86 -3.18
CA ASP A 642 24.00 5.52 -2.92
C ASP A 642 24.14 4.75 -1.61
N ARG A 643 23.49 5.26 -0.57
CA ARG A 643 23.64 4.71 0.77
C ARG A 643 23.13 3.26 0.83
N ALA A 644 21.97 3.00 0.26
CA ALA A 644 21.42 1.64 0.15
C ALA A 644 22.25 0.67 -0.68
N TYR A 645 22.67 1.11 -1.86
CA TYR A 645 23.53 0.31 -2.70
C TYR A 645 24.84 -0.04 -1.99
N GLU A 646 25.46 0.94 -1.34
CA GLU A 646 26.76 0.74 -0.68
C GLU A 646 26.66 -0.27 0.47
N GLU A 647 25.56 -0.23 1.20
CA GLU A 647 25.29 -1.17 2.31
C GLU A 647 25.11 -2.57 1.80
N LEU A 648 24.29 -2.72 0.77
CA LEU A 648 24.13 -4.03 0.12
C LEU A 648 25.46 -4.53 -0.45
N ARG A 649 26.21 -3.65 -1.12
CA ARG A 649 27.52 -4.04 -1.66
C ARG A 649 28.48 -4.50 -0.55
N ARG A 650 28.48 -3.79 0.57
CA ARG A 650 29.31 -4.13 1.73
C ARG A 650 28.94 -5.52 2.25
N ASP A 651 27.64 -5.80 2.39
CA ASP A 651 27.18 -7.12 2.93
C ASP A 651 27.50 -8.28 2.00
N ILE A 652 27.33 -8.07 0.69
CA ILE A 652 27.72 -9.06 -0.31
C ILE A 652 29.24 -9.27 -0.30
N GLY A 653 29.96 -8.17 -0.11
CA GLY A 653 31.41 -8.16 -0.10
C GLY A 653 32.04 -7.80 -1.45
N SER A 654 31.21 -7.50 -2.45
CA SER A 654 31.66 -7.30 -3.85
C SER A 654 30.44 -6.99 -4.72
N THR A 655 30.62 -6.97 -6.05
CA THR A 655 29.49 -6.87 -6.97
C THR A 655 29.05 -8.24 -7.54
N ASP A 656 29.47 -9.31 -6.88
CA ASP A 656 28.99 -10.67 -7.18
C ASP A 656 27.62 -10.91 -6.48
N TRP A 657 26.57 -10.39 -7.10
CA TRP A 657 25.22 -10.40 -6.50
C TRP A 657 24.72 -11.83 -6.38
N ASN A 658 24.22 -12.23 -5.22
CA ASN A 658 23.73 -13.60 -5.01
C ASN A 658 22.59 -13.98 -5.98
N LEU A 659 21.74 -13.02 -6.34
CA LEU A 659 20.58 -13.27 -7.21
C LEU A 659 20.12 -11.95 -7.81
N TRP A 660 19.41 -12.01 -8.92
CA TRP A 660 18.76 -10.81 -9.49
C TRP A 660 19.72 -9.66 -9.81
N SER A 661 20.89 -10.01 -10.35
CA SER A 661 21.94 -9.02 -10.60
C SER A 661 21.46 -7.81 -11.39
N ASN A 662 20.65 -8.07 -12.42
CA ASN A 662 20.20 -7.02 -13.32
C ASN A 662 19.38 -5.95 -12.62
N LEU A 663 18.61 -6.36 -11.61
CA LEU A 663 17.83 -5.42 -10.82
C LEU A 663 18.74 -4.49 -10.05
N VAL A 664 19.85 -5.02 -9.53
CA VAL A 664 20.84 -4.19 -8.84
C VAL A 664 21.52 -3.25 -9.83
N TRP A 665 21.82 -3.73 -11.05
CA TRP A 665 22.47 -2.87 -12.05
C TRP A 665 21.57 -1.69 -12.39
N TYR A 667 19.09 -0.48 -10.58
CA TYR A 667 19.01 0.43 -9.43
C TYR A 667 20.25 1.33 -9.36
N ARG A 668 21.43 0.73 -9.47
CA ARG A 668 22.69 1.46 -9.43
C ARG A 668 22.78 2.58 -10.47
N ALA A 669 22.15 2.39 -11.62
CA ALA A 669 22.10 3.43 -12.65
C ALA A 669 21.37 4.73 -12.27
N PHE A 670 20.60 4.72 -11.18
CA PHE A 670 19.99 5.97 -10.73
C PHE A 670 21.02 7.02 -10.31
N THR A 671 22.16 6.60 -9.79
CA THR A 671 23.21 7.52 -9.38
C THR A 671 24.55 7.36 -10.07
N ASN A 672 24.86 6.16 -10.59
CA ASN A 672 26.15 5.86 -11.19
C ASN A 672 26.01 4.86 -12.36
N PRO A 673 25.58 5.36 -13.53
CA PRO A 673 25.43 4.49 -14.69
C PRO A 673 26.71 3.92 -15.28
N ASP A 674 27.87 4.57 -15.10
CA ASP A 674 29.16 3.98 -15.58
C ASP A 674 29.47 2.68 -14.87
N ASP A 675 29.28 2.68 -13.56
CA ASP A 675 29.50 1.53 -12.70
C ASP A 675 28.48 0.43 -13.04
N ALA A 676 27.22 0.83 -13.21
CA ALA A 676 26.18 -0.09 -13.68
C ALA A 676 26.52 -0.67 -15.06
N LEU A 677 27.03 0.17 -15.96
CA LEU A 677 27.46 -0.30 -17.29
C LEU A 677 28.59 -1.34 -17.22
N GLN A 678 29.58 -1.07 -16.39
CA GLN A 678 30.73 -1.95 -16.21
C GLN A 678 30.28 -3.35 -15.68
N GLN A 679 29.35 -3.39 -14.72
CA GLN A 679 28.91 -4.66 -14.15
C GLN A 679 28.06 -5.43 -15.14
N GLU A 681 28.21 -5.17 -18.55
CA GLU A 681 29.09 -5.75 -19.62
C GLU A 681 29.81 -7.02 -19.16
N ALA A 682 30.30 -7.03 -17.94
CA ALA A 682 31.04 -8.18 -17.42
C ALA A 682 30.23 -9.50 -17.35
N SER A 683 28.91 -9.43 -17.16
CA SER A 683 28.09 -10.59 -16.77
C SER A 683 26.75 -10.82 -17.48
N ILE A 684 26.17 -9.82 -18.15
CA ILE A 684 24.85 -9.95 -18.75
C ILE A 684 24.75 -11.14 -19.70
N ASP A 685 25.81 -11.42 -20.46
CA ASP A 685 25.81 -12.51 -21.45
C ASP A 685 26.31 -13.85 -20.88
N ASP A 686 26.58 -13.95 -19.56
CA ASP A 686 26.68 -15.26 -18.88
C ASP A 686 25.36 -16.05 -19.04
N TYR A 687 24.26 -15.32 -19.06
CA TYR A 687 22.93 -15.83 -19.29
C TYR A 687 22.73 -16.02 -20.78
N GLY A 688 22.37 -17.23 -21.20
CA GLY A 688 21.94 -17.47 -22.57
C GLY A 688 20.47 -17.05 -22.77
N LEU A 689 19.64 -18.04 -23.10
CA LEU A 689 18.22 -17.87 -23.24
C LEU A 689 17.53 -18.20 -21.92
N PHE A 690 16.25 -17.84 -21.83
CA PHE A 690 15.40 -17.97 -20.64
C PHE A 690 15.53 -19.33 -19.92
N ASP A 691 15.83 -19.27 -18.62
CA ASP A 691 16.03 -20.45 -17.78
C ASP A 691 15.31 -20.17 -16.44
N PRO A 692 14.11 -20.75 -16.26
CA PRO A 692 13.38 -20.58 -15.00
C PRO A 692 14.19 -20.92 -13.75
N GLY A 693 15.10 -21.89 -13.84
CA GLY A 693 15.88 -22.33 -12.69
C GLY A 693 17.07 -21.49 -12.31
N ASN A 694 17.38 -20.42 -13.05
CA ASN A 694 18.55 -19.59 -12.77
C ASN A 694 18.25 -18.08 -12.88
N GLU A 695 18.07 -17.43 -11.74
CA GLU A 695 17.82 -15.98 -11.67
C GLU A 695 19.03 -15.20 -11.12
N LYS A 696 20.18 -15.85 -11.09
CA LYS A 696 21.43 -15.22 -10.71
C LYS A 696 21.68 -13.86 -11.43
N ILE A 697 21.48 -13.82 -12.74
CA ILE A 697 21.77 -12.63 -13.53
C ILE A 697 20.49 -11.85 -13.92
N ILE A 698 19.51 -12.57 -14.46
CA ILE A 698 18.24 -11.99 -14.87
C ILE A 698 17.09 -12.52 -14.03
N GLU A 699 16.46 -11.63 -13.27
CA GLU A 699 15.25 -11.95 -12.51
C GLU A 699 14.16 -12.37 -13.51
N ARG A 700 13.35 -13.37 -13.15
CA ARG A 700 12.47 -14.02 -14.12
C ARG A 700 11.34 -13.17 -14.68
N GLY A 701 10.98 -12.09 -13.98
CA GLY A 701 10.03 -11.10 -14.52
C GLY A 701 10.65 -10.03 -15.40
N SER A 702 11.95 -10.17 -15.65
CA SER A 702 12.76 -9.18 -16.30
C SER A 702 13.48 -9.79 -17.53
N THR A 703 14.07 -8.94 -18.37
CA THR A 703 14.82 -9.40 -19.54
C THR A 703 16.17 -8.69 -19.70
N LYS A 704 17.01 -9.28 -20.52
CA LYS A 704 18.23 -8.61 -20.96
C LYS A 704 17.93 -7.36 -21.76
N ALA A 705 16.94 -7.45 -22.65
CA ALA A 705 16.54 -6.29 -23.44
C ALA A 705 16.16 -5.09 -22.55
N GLN A 706 15.33 -5.33 -21.56
CA GLN A 706 14.94 -4.28 -20.64
C GLN A 706 16.13 -3.71 -19.85
N THR A 707 16.99 -4.61 -19.38
CA THR A 707 18.16 -4.21 -18.61
C THR A 707 19.07 -3.27 -19.43
N TYR A 708 19.34 -3.68 -20.66
CA TYR A 708 20.26 -3.01 -21.58
C TYR A 708 19.72 -1.64 -22.00
N HIS A 709 18.42 -1.60 -22.29
CA HIS A 709 17.73 -0.38 -22.72
C HIS A 709 17.70 0.65 -21.59
N TRP A 710 17.46 0.17 -20.37
CA TRP A 710 17.32 1.03 -19.19
C TRP A 710 18.64 1.66 -18.78
N ILE A 711 19.68 0.86 -18.59
CA ILE A 711 20.96 1.39 -18.12
C ILE A 711 21.54 2.39 -19.13
N HIS A 712 21.50 2.06 -20.41
CA HIS A 712 22.01 2.96 -21.44
C HIS A 712 21.19 4.25 -21.54
N ASN A 713 19.89 4.15 -21.37
CA ASN A 713 19.08 5.35 -21.34
C ASN A 713 19.48 6.28 -20.18
N LEU A 714 19.66 5.68 -18.99
N LEU A 714 19.66 5.69 -18.98
CA LEU A 714 20.03 6.45 -17.80
CA LEU A 714 20.04 6.46 -17.81
C LEU A 714 21.41 7.09 -17.99
C LEU A 714 21.43 7.07 -17.94
N ALA A 715 22.33 6.37 -18.63
CA ALA A 715 23.67 6.89 -18.89
C ALA A 715 23.66 8.17 -19.74
N GLU A 716 22.75 8.25 -20.71
CA GLU A 716 22.58 9.47 -21.50
C GLU A 716 21.77 10.56 -20.81
N LEU A 717 20.74 10.17 -20.05
CA LEU A 717 19.81 11.16 -19.47
C LEU A 717 20.33 11.82 -18.18
N GLY A 718 21.12 11.07 -17.42
CA GLY A 718 21.62 11.50 -16.12
C GLY A 718 20.60 11.17 -15.05
N ARG A 719 20.38 12.08 -14.11
CA ARG A 719 19.51 11.83 -12.95
C ARG A 719 18.09 12.34 -13.07
N VAL A 720 17.21 11.69 -12.32
CA VAL A 720 15.82 12.10 -12.22
C VAL A 720 15.83 13.47 -11.54
N ASP A 721 15.04 14.40 -12.08
CA ASP A 721 14.97 15.75 -11.57
C ASP A 721 13.56 16.03 -11.07
N PRO A 722 13.28 15.74 -9.80
CA PRO A 722 11.92 15.95 -9.29
C PRO A 722 11.58 17.41 -8.99
N THR A 723 12.53 18.32 -9.10
CA THR A 723 12.30 19.75 -8.85
C THR A 723 11.53 20.45 -9.98
N VAL A 724 11.28 19.75 -11.09
CA VAL A 724 10.55 20.31 -12.24
C VAL A 724 9.28 19.50 -12.43
N THR A 725 8.14 20.19 -12.49
CA THR A 725 6.85 19.57 -12.79
C THR A 725 6.34 20.00 -14.17
N ALA A 726 5.22 19.42 -14.59
CA ALA A 726 4.58 19.76 -15.86
C ALA A 726 3.06 19.87 -15.68
N ASN A 727 2.41 20.56 -16.60
CA ASN A 727 0.95 20.76 -16.57
C ASN A 727 0.13 19.65 -17.27
N HIS A 728 0.79 18.55 -17.61
CA HIS A 728 0.17 17.31 -18.03
C HIS A 728 0.86 16.16 -17.26
N PRO A 729 0.21 14.97 -17.18
CA PRO A 729 0.67 13.94 -16.23
C PRO A 729 1.62 12.83 -16.72
N ILE A 730 1.83 12.72 -18.03
CA ILE A 730 2.70 11.68 -18.58
C ILE A 730 4.01 12.31 -19.06
N TYR A 731 4.99 12.36 -18.17
CA TYR A 731 6.26 13.03 -18.46
C TYR A 731 7.36 12.64 -17.47
N ALA A 732 8.56 13.06 -17.76
CA ALA A 732 9.67 12.95 -16.83
C ALA A 732 10.71 13.96 -17.22
N VAL A 733 11.42 14.44 -16.23
CA VAL A 733 12.52 15.36 -16.42
C VAL A 733 13.77 14.76 -15.79
N PHE A 734 14.84 14.79 -16.56
CA PHE A 734 16.14 14.32 -16.15
C PHE A 734 17.13 15.49 -16.21
N ASN A 735 18.23 15.35 -15.48
CA ASN A 735 19.25 16.37 -15.35
C ASN A 735 20.63 15.70 -15.36
N LYS A 736 21.44 15.99 -16.38
CA LYS A 736 22.83 15.53 -16.44
C LYS A 736 23.81 16.72 -16.37
N ASN A 737 24.40 16.92 -15.19
CA ASN A 737 25.34 18.03 -14.91
C ASN A 737 24.82 19.43 -15.27
N GLY A 738 23.54 19.68 -15.00
CA GLY A 738 22.90 20.95 -15.33
C GLY A 738 22.16 21.03 -16.64
N ASN A 739 22.27 20.01 -17.53
CA ASN A 739 21.51 19.97 -18.80
C ASN A 739 20.27 19.08 -18.67
N ARG A 740 19.10 19.67 -18.89
CA ARG A 740 17.84 19.00 -18.64
C ARG A 740 17.31 18.40 -19.89
N THR A 741 16.93 17.12 -19.81
CA THR A 741 16.12 16.47 -20.82
C THR A 741 14.66 16.39 -20.32
N TYR A 742 13.73 16.77 -21.18
CA TYR A 742 12.30 16.75 -20.91
C TYR A 742 11.67 15.70 -21.81
N ILE A 743 10.94 14.77 -21.21
CA ILE A 743 10.29 13.67 -21.92
C ILE A 743 8.77 13.74 -21.68
N VAL A 744 7.99 13.60 -22.73
CA VAL A 744 6.54 13.57 -22.63
C VAL A 744 6.02 12.50 -23.57
N TYR A 745 5.02 11.75 -23.13
CA TYR A 745 4.29 10.90 -24.07
C TYR A 745 2.89 11.49 -24.18
N ASN A 746 2.38 11.54 -25.41
CA ASN A 746 1.06 12.05 -25.72
C ASN A 746 0.14 10.92 -26.16
N PHE A 747 -0.83 10.58 -25.31
CA PHE A 747 -1.83 9.55 -25.64
C PHE A 747 -2.96 10.10 -26.53
N SER A 748 -3.00 11.41 -26.77
CA SER A 748 -4.12 12.02 -27.48
C SER A 748 -4.03 11.82 -29.03
N ASP A 749 -5.18 11.88 -29.70
CA ASP A 749 -5.25 11.99 -31.18
C ASP A 749 -4.76 13.35 -31.73
N SER A 750 -4.83 14.42 -30.92
CA SER A 750 -4.35 15.76 -31.30
C SER A 750 -2.98 16.09 -30.70
N PRO A 751 -2.24 17.02 -31.35
CA PRO A 751 -1.00 17.51 -30.73
C PRO A 751 -1.29 18.29 -29.45
N ILE A 752 -0.32 18.34 -28.56
CA ILE A 752 -0.43 19.10 -27.31
C ILE A 752 0.83 19.93 -27.10
N THR A 753 0.68 20.91 -26.20
CA THR A 753 1.78 21.73 -25.73
C THR A 753 1.90 21.51 -24.23
N VAL A 754 3.11 21.25 -23.75
CA VAL A 754 3.36 20.99 -22.34
C VAL A 754 4.25 22.08 -21.75
N GLN A 755 3.78 22.72 -20.68
CA GLN A 755 4.53 23.74 -19.94
C GLN A 755 5.16 23.08 -18.74
N PHE A 756 6.47 23.25 -18.59
CA PHE A 756 7.18 22.81 -17.41
C PHE A 756 7.38 23.97 -16.44
N SER A 757 7.59 23.64 -15.17
CA SER A 757 7.62 24.66 -14.09
C SER A 757 8.86 25.57 -14.09
N ASP A 758 9.89 25.20 -14.85
CA ASP A 758 11.09 26.03 -15.02
C ASP A 758 11.04 26.95 -16.25
N GLY A 759 9.89 27.09 -16.90
CA GLY A 759 9.72 27.94 -18.10
C GLY A 759 9.75 27.21 -19.44
N HIS A 760 10.36 26.02 -19.49
CA HIS A 760 10.50 25.27 -20.72
C HIS A 760 9.12 24.81 -21.22
N SER A 761 8.97 24.80 -22.54
CA SER A 761 7.73 24.47 -23.20
C SER A 761 8.05 23.54 -24.36
N ILE A 762 7.28 22.46 -24.55
CA ILE A 762 7.47 21.60 -25.72
C ILE A 762 6.17 21.23 -26.40
N GLN A 763 6.30 20.79 -27.65
CA GLN A 763 5.16 20.42 -28.48
C GLN A 763 5.26 18.94 -28.79
N VAL A 764 4.16 18.22 -28.69
CA VAL A 764 4.17 16.76 -28.83
C VAL A 764 3.09 16.33 -29.84
N GLU A 765 3.51 15.52 -30.81
CA GLU A 765 2.61 15.01 -31.84
C GLU A 765 1.73 13.91 -31.24
N PRO A 766 0.63 13.54 -31.93
CA PRO A 766 -0.23 12.46 -31.41
C PRO A 766 0.49 11.13 -31.27
N HIS A 767 0.07 10.35 -30.27
CA HIS A 767 0.55 8.98 -30.05
C HIS A 767 2.05 8.85 -30.18
N SER A 768 2.77 9.74 -29.52
CA SER A 768 4.21 9.70 -29.58
C SER A 768 4.89 10.39 -28.38
N PHE A 769 6.17 10.04 -28.19
CA PHE A 769 7.10 10.81 -27.36
C PHE A 769 7.46 12.12 -28.10
N ASN A 770 7.94 13.12 -27.38
CA ASN A 770 8.46 14.36 -28.00
C ASN A 770 9.85 14.18 -28.61
N ILE A 771 10.62 13.27 -28.00
CA ILE A 771 11.97 12.91 -28.45
C ILE A 771 12.18 11.43 -28.18
N GLY A 772 13.02 10.80 -28.97
CA GLY A 772 13.33 9.39 -28.80
C GLY A 772 12.16 8.44 -29.04
N ASN A 773 11.44 8.65 -30.14
CA ASN A 773 10.44 7.66 -30.58
C ASN A 773 11.02 6.43 -31.23
N GLY A 774 12.25 6.53 -31.74
CA GLY A 774 12.87 5.44 -32.49
C GLY A 774 12.37 5.48 -33.92
N ASP A 775 11.97 4.32 -34.44
CA ASP A 775 11.57 4.17 -35.86
C ASP A 775 10.16 3.61 -36.00
#